data_7RKS
#
_entry.id   7RKS
#
_cell.length_a   92.923
_cell.length_b   89.993
_cell.length_c   93.865
_cell.angle_alpha   90.000
_cell.angle_beta   113.334
_cell.angle_gamma   90.000
#
_symmetry.space_group_name_H-M   'P 1 21 1'
#
loop_
_entity.id
_entity.type
_entity.pdbx_description
1 polymer 'C118 Antibody Fab Heavy Chain'
2 polymer 'C118 Antibody Fab Light Chain'
3 polymer 'Spike protein S1'
4 branched 2-acetamido-2-deoxy-beta-D-glucopyranose-(1-4)-2-acetamido-2-deoxy-beta-D-glucopyranose
5 branched 2-acetamido-2-deoxy-beta-D-glucopyranose-(1-4)-[alpha-L-fucopyranose-(1-6)]2-acetamido-2-deoxy-beta-D-glucopyranose
#
loop_
_entity_poly.entity_id
_entity_poly.type
_entity_poly.pdbx_seq_one_letter_code
_entity_poly.pdbx_strand_id
1 'polypeptide(L)'
;QVQLVESGGGVVQPGRSLRLSCAASGFTFSNYAMHWVRQAPGKGLEWVAVISYDGSNKYYADSVKGRFTISRDNSKNTLY
LQMNSLRAEDTAIYYCASGYTGYDYFVRGDYYGLDVWGQGTTVTVSSASTKGPSVFPLAPSSKSTSGGTAALGCLVKDYF
PEPVTVSWNSGALTSGVHTFPAVLQSSGLYSLSSVVTVPSSSLGTQTYICNVNHKPSNTKVDKRVEPKSCDKHHHHHH
;
H,I
2 'polypeptide(L)'
;QPVLTQSPSASASLGASVKLTCTLSSGHSSYAIAWHQQQPEKGPRYLMKLNTDGSHSKGDGIPDRFSGSSSGAERYLTIS
SLQSEDEADYYCQTWGTGILVFGGGTKLTVLGQPKAAPSVTLFPPSSEELQANKATLVCLISDFYPGAVTVAWKADSSPV
KAGVETTTPSKQSNNKYAASSYLSLTPEQWKSHRSYSCQVTHEGSTVEKTVAPT
;
L,M
3 'polypeptide(L)'
;NLCPFGEVFNATKFPSVYAWERKKISNCVADYSVLYNSTFFSTFKCYGVSATKLNDLCFSNVYADSFVVKGDDVRQIAPG
QTGVIADYNYKLPDDFMGCVLAWNTRNIDATSTGNYNYKYRYLRHGKLRPFERDISNVPFSPDGKPCTPPALNCYWPLND
YGFYTTTGIGYQPYRVVVLSFELLNAPATVHHHHHH
;
R,S
#
loop_
_chem_comp.id
_chem_comp.type
_chem_comp.name
_chem_comp.formula
FUC L-saccharide, alpha linking alpha-L-fucopyranose 'C6 H12 O5'
NAG D-saccharide, beta linking 2-acetamido-2-deoxy-beta-D-glucopyranose 'C8 H15 N O6'
#
# COMPACT_ATOMS: atom_id res chain seq x y z
N GLN A 1 -20.91 10.66 8.34
CA GLN A 1 -20.21 10.23 7.12
C GLN A 1 -21.14 9.54 6.10
N VAL A 2 -21.39 10.27 5.00
CA VAL A 2 -22.42 9.97 4.01
C VAL A 2 -21.99 8.87 3.04
N GLN A 3 -22.93 8.03 2.63
CA GLN A 3 -22.63 7.02 1.61
C GLN A 3 -23.82 6.74 0.69
N LEU A 4 -23.52 6.65 -0.60
CA LEU A 4 -24.49 6.35 -1.64
C LEU A 4 -24.07 5.06 -2.35
N VAL A 5 -24.92 4.04 -2.31
CA VAL A 5 -24.58 2.76 -2.91
C VAL A 5 -25.65 2.38 -3.94
N GLU A 6 -25.22 2.28 -5.20
CA GLU A 6 -26.06 1.91 -6.35
C GLU A 6 -26.21 0.39 -6.49
N SER A 7 -27.36 -0.02 -7.06
CA SER A 7 -27.62 -1.41 -7.44
C SER A 7 -28.41 -1.44 -8.76
N GLY A 8 -28.77 -2.64 -9.21
CA GLY A 8 -29.57 -2.88 -10.42
C GLY A 8 -28.88 -2.88 -11.77
N GLY A 9 -27.57 -2.95 -11.81
CA GLY A 9 -26.86 -2.95 -13.08
C GLY A 9 -26.63 -4.35 -13.64
N GLY A 10 -26.34 -4.41 -14.94
CA GLY A 10 -26.09 -5.69 -15.57
C GLY A 10 -26.29 -5.64 -17.08
N VAL A 11 -26.59 -6.81 -17.64
CA VAL A 11 -26.71 -7.00 -19.07
C VAL A 11 -28.17 -7.14 -19.45
N VAL A 12 -28.57 -6.39 -20.49
CA VAL A 12 -29.91 -6.44 -21.08
C VAL A 12 -29.76 -6.24 -22.58
N GLN A 13 -30.81 -6.74 -23.37
CA GLN A 13 -30.75 -6.54 -24.82
C GLN A 13 -31.35 -5.19 -25.23
N PRO A 14 -30.83 -4.59 -26.31
CA PRO A 14 -31.33 -3.28 -26.73
C PRO A 14 -32.85 -3.28 -26.86
N GLY A 15 -33.46 -2.13 -26.54
CA GLY A 15 -34.90 -2.02 -26.52
C GLY A 15 -35.59 -2.55 -25.28
N ARG A 16 -34.85 -3.11 -24.31
CA ARG A 16 -35.45 -3.55 -23.06
C ARG A 16 -35.28 -2.48 -21.97
N SER A 17 -35.67 -2.80 -20.75
CA SER A 17 -35.76 -1.84 -19.65
C SER A 17 -34.88 -2.27 -18.50
N LEU A 18 -34.70 -1.36 -17.54
CA LEU A 18 -33.84 -1.62 -16.39
C LEU A 18 -33.98 -0.52 -15.33
N ARG A 19 -34.17 -0.89 -14.06
CA ARG A 19 -34.31 0.09 -12.99
C ARG A 19 -33.07 0.09 -12.08
N LEU A 20 -32.33 1.19 -12.14
CA LEU A 20 -31.25 1.41 -11.19
C LEU A 20 -31.77 1.97 -9.87
N SER A 21 -31.03 1.67 -8.81
CA SER A 21 -31.38 2.18 -7.50
C SER A 21 -30.15 2.79 -6.86
N CYS A 22 -30.40 3.62 -5.86
CA CYS A 22 -29.33 4.31 -5.17
C CYS A 22 -29.75 4.41 -3.71
N ALA A 23 -29.02 3.72 -2.84
CA ALA A 23 -29.32 3.72 -1.41
C ALA A 23 -28.52 4.81 -0.73
N ALA A 24 -29.21 5.69 0.00
CA ALA A 24 -28.58 6.82 0.66
C ALA A 24 -28.65 6.64 2.17
N SER A 25 -27.50 6.79 2.83
CA SER A 25 -27.38 6.74 4.28
C SER A 25 -26.50 7.87 4.77
N GLY A 26 -26.82 8.39 5.95
CA GLY A 26 -25.94 9.33 6.63
C GLY A 26 -26.31 10.80 6.52
N PHE A 27 -27.48 11.14 6.00
CA PHE A 27 -27.93 12.52 5.88
C PHE A 27 -29.43 12.53 5.59
N THR A 28 -30.04 13.70 5.77
CA THR A 28 -31.49 13.84 5.58
C THR A 28 -31.82 13.86 4.09
N PHE A 29 -31.92 12.65 3.53
CA PHE A 29 -32.02 12.44 2.07
C PHE A 29 -33.13 13.26 1.46
N SER A 30 -34.26 13.37 2.14
CA SER A 30 -35.42 14.04 1.58
C SER A 30 -35.24 15.55 1.44
N ASN A 31 -34.08 16.11 1.82
CA ASN A 31 -33.83 17.54 1.68
C ASN A 31 -32.81 17.89 0.61
N TYR A 32 -32.11 16.92 0.04
CA TYR A 32 -31.06 17.18 -0.93
C TYR A 32 -31.52 16.83 -2.35
N ALA A 33 -31.00 17.54 -3.34
CA ALA A 33 -31.19 17.14 -4.73
C ALA A 33 -30.33 15.90 -5.05
N MET A 34 -30.74 15.17 -6.08
CA MET A 34 -30.14 13.88 -6.41
C MET A 34 -29.91 13.77 -7.92
N HIS A 35 -28.74 13.26 -8.31
CA HIS A 35 -28.32 13.17 -9.70
C HIS A 35 -28.11 11.72 -10.14
N TRP A 36 -28.03 11.55 -11.46
CA TRP A 36 -27.47 10.37 -12.10
C TRP A 36 -26.39 10.84 -13.06
N VAL A 37 -25.24 10.17 -13.03
CA VAL A 37 -24.13 10.47 -13.93
C VAL A 37 -23.67 9.11 -14.44
N ARG A 38 -23.19 9.07 -15.66
CA ARG A 38 -22.76 7.82 -16.22
C ARG A 38 -21.42 8.01 -16.91
N GLN A 39 -20.69 6.90 -17.05
CA GLN A 39 -19.41 6.93 -17.75
C GLN A 39 -19.34 5.74 -18.67
N ALA A 40 -19.35 5.99 -19.97
CA ALA A 40 -19.19 4.90 -20.93
C ALA A 40 -17.78 4.35 -20.80
N PRO A 41 -17.58 3.06 -21.12
CA PRO A 41 -16.25 2.48 -20.92
C PRO A 41 -15.24 3.23 -21.77
N GLY A 42 -14.31 3.89 -21.08
CA GLY A 42 -13.28 4.73 -21.66
C GLY A 42 -13.71 6.10 -22.12
N LYS A 43 -14.95 6.51 -21.84
CA LYS A 43 -15.41 7.87 -22.13
C LYS A 43 -15.37 8.73 -20.87
N GLY A 44 -15.66 10.01 -21.06
CA GLY A 44 -15.70 10.90 -19.92
C GLY A 44 -16.98 10.76 -19.13
N LEU A 45 -17.10 11.58 -18.09
CA LEU A 45 -18.36 11.67 -17.38
C LEU A 45 -19.36 12.45 -18.22
N GLU A 46 -20.62 11.97 -18.17
CA GLU A 46 -21.76 12.58 -18.83
C GLU A 46 -22.89 12.69 -17.83
N TRP A 47 -23.37 13.91 -17.58
CA TRP A 47 -24.50 14.09 -16.68
C TRP A 47 -25.81 13.61 -17.34
N VAL A 48 -26.64 12.89 -16.57
CA VAL A 48 -27.84 12.20 -17.08
C VAL A 48 -29.15 12.87 -16.62
N ALA A 49 -29.37 12.97 -15.32
CA ALA A 49 -30.61 13.53 -14.79
C ALA A 49 -30.41 14.08 -13.37
N VAL A 50 -31.33 14.97 -12.96
CA VAL A 50 -31.34 15.51 -11.62
C VAL A 50 -32.78 15.58 -11.12
N ILE A 51 -33.00 15.32 -9.83
CA ILE A 51 -34.33 15.47 -9.25
C ILE A 51 -34.25 16.26 -7.94
N SER A 52 -35.17 17.21 -7.78
CA SER A 52 -35.24 18.08 -6.63
C SER A 52 -35.72 17.33 -5.38
N TYR A 53 -35.59 18.02 -4.23
CA TYR A 53 -35.78 17.40 -2.92
C TYR A 53 -37.15 16.78 -2.77
N ASP A 54 -38.17 17.35 -3.40
CA ASP A 54 -39.52 16.84 -3.23
C ASP A 54 -40.02 16.02 -4.41
N GLY A 55 -39.23 15.93 -5.48
CA GLY A 55 -39.66 15.22 -6.69
C GLY A 55 -40.52 16.02 -7.64
N SER A 56 -40.69 17.32 -7.42
CA SER A 56 -41.55 18.13 -8.26
C SER A 56 -40.83 18.71 -9.46
N ASN A 57 -39.51 18.64 -9.50
CA ASN A 57 -38.76 19.17 -10.63
C ASN A 57 -37.76 18.11 -11.07
N LYS A 58 -37.78 17.77 -12.36
CA LYS A 58 -36.85 16.81 -12.94
C LYS A 58 -36.24 17.38 -14.23
N TYR A 59 -34.94 17.22 -14.41
CA TYR A 59 -34.29 17.63 -15.65
C TYR A 59 -33.44 16.49 -16.21
N TYR A 60 -33.34 16.44 -17.55
CA TYR A 60 -32.75 15.30 -18.26
C TYR A 60 -31.75 15.77 -19.31
N ALA A 61 -30.68 15.00 -19.45
CA ALA A 61 -29.77 15.21 -20.56
C ALA A 61 -30.51 14.89 -21.85
N ASP A 62 -30.15 15.63 -22.91
CA ASP A 62 -30.87 15.48 -24.17
C ASP A 62 -30.91 14.03 -24.63
N SER A 63 -29.78 13.33 -24.54
CA SER A 63 -29.64 11.97 -25.00
C SER A 63 -30.47 10.98 -24.22
N VAL A 64 -31.34 11.29 -23.26
CA VAL A 64 -32.06 10.24 -22.55
C VAL A 64 -33.52 10.67 -22.40
N LYS A 65 -33.83 11.88 -22.86
CA LYS A 65 -35.17 12.42 -22.69
C LYS A 65 -36.16 11.64 -23.54
N GLY A 66 -37.25 11.20 -22.91
CA GLY A 66 -38.21 10.33 -23.53
C GLY A 66 -38.07 8.87 -23.13
N ARG A 67 -36.86 8.44 -22.81
CA ARG A 67 -36.62 7.06 -22.42
C ARG A 67 -36.38 6.88 -20.93
N PHE A 68 -35.60 7.77 -20.30
CA PHE A 68 -35.27 7.58 -18.90
C PHE A 68 -36.26 8.32 -18.02
N THR A 69 -36.31 7.92 -16.76
CA THR A 69 -37.20 8.59 -15.82
C THR A 69 -36.61 8.53 -14.43
N ILE A 70 -36.30 9.71 -13.85
CA ILE A 70 -35.74 9.77 -12.51
C ILE A 70 -36.86 9.95 -11.49
N SER A 71 -36.73 9.27 -10.37
CA SER A 71 -37.68 9.41 -9.29
C SER A 71 -36.98 9.06 -7.98
N ARG A 72 -37.72 9.22 -6.89
CA ARG A 72 -37.16 8.96 -5.57
C ARG A 72 -38.28 8.56 -4.62
N ASP A 73 -37.95 7.72 -3.64
CA ASP A 73 -38.86 7.41 -2.53
C ASP A 73 -38.22 7.98 -1.28
N ASN A 74 -38.73 9.13 -0.83
CA ASN A 74 -38.10 9.74 0.33
C ASN A 74 -38.29 8.88 1.57
N SER A 75 -39.40 8.12 1.67
CA SER A 75 -39.61 7.24 2.82
C SER A 75 -38.57 6.15 2.91
N LYS A 76 -37.92 5.80 1.80
CA LYS A 76 -36.93 4.74 1.83
C LYS A 76 -35.52 5.26 1.56
N ASN A 77 -35.33 6.57 1.44
CA ASN A 77 -34.02 7.16 1.19
C ASN A 77 -33.37 6.53 -0.04
N THR A 78 -34.17 6.33 -1.09
CA THR A 78 -33.75 5.63 -2.31
C THR A 78 -34.02 6.49 -3.54
N LEU A 79 -33.05 6.50 -4.45
CA LEU A 79 -33.12 7.18 -5.73
C LEU A 79 -33.18 6.15 -6.86
N TYR A 80 -34.00 6.42 -7.87
CA TYR A 80 -34.26 5.47 -8.95
C TYR A 80 -33.92 6.08 -10.29
N LEU A 81 -33.48 5.23 -11.22
CA LEU A 81 -33.36 5.59 -12.63
C LEU A 81 -34.00 4.50 -13.48
N GLN A 82 -35.17 4.79 -14.04
CA GLN A 82 -35.83 3.88 -14.96
C GLN A 82 -35.29 4.16 -16.35
N MET A 83 -34.62 3.15 -16.91
CA MET A 83 -34.14 3.23 -18.27
C MET A 83 -35.03 2.35 -19.13
N ASN A 84 -35.44 2.87 -20.28
CA ASN A 84 -36.35 2.20 -21.20
C ASN A 84 -35.74 2.27 -22.58
N SER A 85 -36.10 1.30 -23.42
CA SER A 85 -35.65 1.28 -24.80
C SER A 85 -34.15 1.45 -24.88
N LEU A 86 -33.44 0.58 -24.15
CA LEU A 86 -32.01 0.78 -23.94
C LEU A 86 -31.23 0.58 -25.23
N ARG A 87 -30.18 1.38 -25.41
CA ARG A 87 -29.34 1.32 -26.59
C ARG A 87 -27.92 0.92 -26.20
N ALA A 88 -27.16 0.43 -27.18
CA ALA A 88 -25.78 0.02 -26.91
C ALA A 88 -24.93 1.19 -26.44
N GLU A 89 -25.32 2.42 -26.75
CA GLU A 89 -24.65 3.60 -26.22
C GLU A 89 -25.03 3.91 -24.78
N ASP A 90 -25.99 3.18 -24.19
CA ASP A 90 -26.30 3.30 -22.78
C ASP A 90 -25.42 2.40 -21.93
N THR A 91 -24.45 1.71 -22.54
CA THR A 91 -23.51 0.89 -21.80
C THR A 91 -22.52 1.82 -21.13
N ALA A 92 -22.42 1.72 -19.81
CA ALA A 92 -21.66 2.69 -19.01
C ALA A 92 -21.73 2.26 -17.56
N ILE A 93 -20.89 2.90 -16.72
CA ILE A 93 -21.07 2.85 -15.27
C ILE A 93 -21.96 4.00 -14.88
N TYR A 94 -22.95 3.72 -14.04
CA TYR A 94 -23.91 4.71 -13.60
C TYR A 94 -23.72 5.02 -12.11
N TYR A 95 -23.35 6.26 -11.82
CA TYR A 95 -23.27 6.73 -10.44
C TYR A 95 -24.47 7.61 -10.10
N CYS A 96 -24.90 7.55 -8.83
CA CYS A 96 -25.77 8.59 -8.28
C CYS A 96 -24.95 9.59 -7.46
N ALA A 97 -25.56 10.74 -7.20
CA ALA A 97 -24.87 11.82 -6.51
C ALA A 97 -25.90 12.71 -5.82
N SER A 98 -25.44 13.45 -4.79
CA SER A 98 -26.33 14.36 -4.06
C SER A 98 -25.75 15.76 -4.03
N GLY A 99 -26.60 16.71 -3.64
CA GLY A 99 -26.13 18.08 -3.48
C GLY A 99 -27.18 18.94 -2.81
N TYR A 100 -26.79 20.18 -2.55
CA TYR A 100 -27.66 21.20 -1.97
C TYR A 100 -28.54 21.78 -3.08
N THR A 101 -29.44 22.69 -2.73
CA THR A 101 -30.27 23.38 -3.71
C THR A 101 -30.07 24.88 -3.61
N GLY A 102 -29.32 25.47 -4.54
CA GLY A 102 -28.93 26.85 -4.44
C GLY A 102 -29.62 27.76 -5.44
N TYR A 103 -29.52 29.05 -5.17
CA TYR A 103 -30.08 30.06 -6.05
C TYR A 103 -28.94 30.67 -6.84
N ASP A 104 -29.09 30.72 -8.14
CA ASP A 104 -28.03 31.25 -8.98
C ASP A 104 -28.49 32.54 -9.66
N TYR A 105 -27.68 33.59 -9.47
CA TYR A 105 -28.03 34.89 -10.01
C TYR A 105 -27.86 34.95 -11.52
N PHE A 106 -27.03 34.09 -12.10
CA PHE A 106 -26.85 34.13 -13.55
C PHE A 106 -27.89 33.30 -14.29
N VAL A 107 -28.56 32.39 -13.58
CA VAL A 107 -29.70 31.67 -14.12
C VAL A 107 -31.02 32.21 -13.60
N ARG A 108 -31.01 32.95 -12.48
CA ARG A 108 -32.23 33.47 -11.85
C ARG A 108 -33.18 32.34 -11.45
N GLY A 109 -32.62 31.28 -10.90
CA GLY A 109 -33.42 30.19 -10.39
C GLY A 109 -32.56 29.20 -9.65
N ASP A 110 -33.09 28.00 -9.51
CA ASP A 110 -32.38 26.94 -8.82
C ASP A 110 -31.24 26.38 -9.66
N TYR A 111 -30.14 26.06 -8.98
CA TYR A 111 -29.16 25.15 -9.55
C TYR A 111 -29.08 24.01 -8.55
N TYR A 112 -28.63 22.86 -8.99
CA TYR A 112 -28.55 21.69 -8.13
C TYR A 112 -27.10 21.26 -7.95
N GLY A 113 -26.65 21.27 -6.70
CA GLY A 113 -25.27 20.94 -6.42
C GLY A 113 -25.01 19.45 -6.54
N LEU A 114 -23.77 19.13 -6.86
CA LEU A 114 -23.32 17.75 -6.99
C LEU A 114 -22.02 17.66 -6.20
N ASP A 115 -22.09 17.17 -4.95
CA ASP A 115 -20.95 17.27 -4.05
C ASP A 115 -20.63 15.96 -3.33
N VAL A 116 -21.36 14.90 -3.63
CA VAL A 116 -21.12 13.58 -3.07
C VAL A 116 -21.41 12.56 -4.16
N TRP A 117 -20.47 11.66 -4.39
CA TRP A 117 -20.55 10.68 -5.46
C TRP A 117 -20.79 9.29 -4.88
N GLY A 118 -21.50 8.46 -5.65
CA GLY A 118 -21.67 7.07 -5.30
C GLY A 118 -20.55 6.20 -5.82
N GLN A 119 -20.67 4.90 -5.53
CA GLN A 119 -19.62 3.96 -5.90
C GLN A 119 -19.76 3.47 -7.35
N GLY A 120 -20.99 3.32 -7.85
CA GLY A 120 -21.25 2.93 -9.23
C GLY A 120 -21.94 1.59 -9.43
N THR A 121 -22.57 1.42 -10.60
CA THR A 121 -23.14 0.14 -11.00
C THR A 121 -23.03 0.03 -12.52
N THR A 122 -22.72 -1.16 -13.02
CA THR A 122 -22.43 -1.30 -14.43
C THR A 122 -23.61 -1.85 -15.22
N VAL A 123 -23.88 -1.23 -16.37
CA VAL A 123 -25.00 -1.54 -17.25
C VAL A 123 -24.46 -1.85 -18.64
N THR A 124 -24.71 -3.07 -19.11
CA THR A 124 -24.22 -3.51 -20.40
C THR A 124 -25.41 -3.83 -21.31
N VAL A 125 -25.45 -3.18 -22.47
CA VAL A 125 -26.53 -3.30 -23.44
C VAL A 125 -25.97 -3.85 -24.74
N SER A 126 -26.39 -5.07 -25.11
CA SER A 126 -25.80 -5.80 -26.23
C SER A 126 -26.80 -6.77 -26.84
N SER A 127 -26.71 -6.93 -28.15
CA SER A 127 -27.41 -8.03 -28.84
C SER A 127 -26.49 -9.26 -28.94
N ALA A 128 -26.00 -9.72 -27.79
CA ALA A 128 -25.19 -10.92 -27.71
C ALA A 128 -25.79 -11.89 -26.70
N SER A 129 -25.55 -13.18 -26.91
CA SER A 129 -26.07 -14.21 -26.03
C SER A 129 -24.95 -14.64 -25.08
N THR A 130 -25.35 -15.10 -23.90
CA THR A 130 -24.36 -15.64 -22.98
C THR A 130 -23.56 -16.72 -23.70
N LYS A 131 -22.23 -16.72 -23.50
CA LYS A 131 -21.33 -17.58 -24.25
C LYS A 131 -20.00 -17.70 -23.52
N GLY A 132 -19.53 -18.94 -23.32
CA GLY A 132 -18.25 -19.21 -22.72
C GLY A 132 -17.12 -19.00 -23.71
N PRO A 133 -15.90 -18.81 -23.20
CA PRO A 133 -14.75 -18.54 -24.06
C PRO A 133 -14.06 -19.79 -24.57
N SER A 134 -13.32 -19.59 -25.65
CA SER A 134 -12.31 -20.53 -26.10
C SER A 134 -10.98 -20.11 -25.52
N VAL A 135 -10.20 -21.08 -25.03
CA VAL A 135 -8.94 -20.78 -24.38
C VAL A 135 -7.82 -21.45 -25.17
N PHE A 136 -6.94 -20.63 -25.76
CA PHE A 136 -5.84 -21.11 -26.58
C PHE A 136 -4.51 -20.76 -25.94
N PRO A 137 -3.49 -21.59 -26.13
CA PRO A 137 -2.21 -21.35 -25.46
C PRO A 137 -1.34 -20.40 -26.25
N LEU A 138 -0.73 -19.46 -25.54
CA LEU A 138 0.28 -18.59 -26.14
C LEU A 138 1.65 -19.15 -25.74
N ALA A 139 2.04 -20.21 -26.45
CA ALA A 139 3.21 -21.00 -26.11
C ALA A 139 4.50 -20.20 -26.30
N PRO A 140 5.48 -20.33 -25.38
CA PRO A 140 6.73 -19.56 -25.48
C PRO A 140 7.58 -19.99 -26.66
N THR A 149 14.74 -15.82 -19.23
CA THR A 149 13.37 -15.35 -19.00
C THR A 149 12.49 -15.37 -20.26
N ALA A 150 11.31 -15.97 -20.15
CA ALA A 150 10.42 -16.14 -21.29
C ALA A 150 8.97 -15.90 -20.86
N ALA A 151 8.14 -15.51 -21.82
CA ALA A 151 6.74 -15.21 -21.56
C ALA A 151 5.84 -16.23 -22.24
N LEU A 152 4.77 -16.61 -21.54
CA LEU A 152 3.77 -17.56 -22.03
C LEU A 152 2.42 -17.14 -21.46
N GLY A 153 1.36 -17.56 -22.12
CA GLY A 153 0.07 -17.19 -21.56
C GLY A 153 -1.11 -17.85 -22.21
N CYS A 154 -2.28 -17.25 -21.92
CA CYS A 154 -3.59 -17.75 -22.31
C CYS A 154 -4.34 -16.66 -23.07
N LEU A 155 -4.90 -17.05 -24.22
CA LEU A 155 -5.78 -16.19 -25.01
C LEU A 155 -7.21 -16.61 -24.69
N VAL A 156 -7.97 -15.74 -24.05
CA VAL A 156 -9.33 -16.04 -23.63
C VAL A 156 -10.26 -15.39 -24.66
N LYS A 157 -10.79 -16.21 -25.57
CA LYS A 157 -11.33 -15.71 -26.82
C LYS A 157 -12.84 -15.86 -26.83
N ASP A 158 -13.53 -14.79 -27.25
CA ASP A 158 -14.93 -14.77 -27.71
C ASP A 158 -15.91 -15.27 -26.65
N TYR A 159 -15.99 -14.49 -25.57
CA TYR A 159 -16.96 -14.75 -24.51
C TYR A 159 -17.88 -13.54 -24.33
N PHE A 160 -18.99 -13.79 -23.62
CA PHE A 160 -19.95 -12.73 -23.31
C PHE A 160 -20.86 -13.22 -22.20
N PRO A 161 -21.18 -12.39 -21.20
CA PRO A 161 -20.61 -11.05 -20.98
C PRO A 161 -19.41 -11.15 -20.08
N GLU A 162 -18.89 -10.01 -19.65
CA GLU A 162 -17.85 -10.02 -18.64
C GLU A 162 -18.43 -10.47 -17.29
N PRO A 163 -17.57 -10.85 -16.33
CA PRO A 163 -16.12 -10.97 -16.48
C PRO A 163 -15.63 -12.42 -16.52
N VAL A 164 -14.34 -12.55 -16.82
CA VAL A 164 -13.64 -13.82 -16.76
C VAL A 164 -12.44 -13.64 -15.83
N THR A 165 -12.18 -14.63 -14.97
CA THR A 165 -11.01 -14.64 -14.09
C THR A 165 -10.01 -15.69 -14.52
N VAL A 166 -8.73 -15.35 -14.38
CA VAL A 166 -7.64 -16.19 -14.81
C VAL A 166 -6.67 -16.32 -13.66
N SER A 167 -6.59 -17.51 -13.07
CA SER A 167 -5.50 -17.81 -12.16
C SER A 167 -4.56 -18.78 -12.85
N TRP A 168 -3.35 -18.90 -12.33
CA TRP A 168 -2.33 -19.75 -12.93
C TRP A 168 -1.90 -20.81 -11.92
N ASN A 169 -1.87 -22.06 -12.36
CA ASN A 169 -1.52 -23.19 -11.51
C ASN A 169 -2.38 -23.19 -10.25
N SER A 170 -3.67 -22.91 -10.46
CA SER A 170 -4.66 -22.93 -9.39
C SER A 170 -4.32 -21.89 -8.32
N GLY A 171 -3.79 -20.75 -8.76
CA GLY A 171 -3.42 -19.69 -7.84
C GLY A 171 -2.04 -19.83 -7.23
N ALA A 172 -1.45 -21.03 -7.27
CA ALA A 172 -0.12 -21.30 -6.74
C ALA A 172 0.96 -20.50 -7.47
N LEU A 173 0.64 -19.91 -8.62
CA LEU A 173 1.57 -19.15 -9.44
C LEU A 173 1.03 -17.74 -9.59
N THR A 174 1.76 -16.75 -9.05
CA THR A 174 1.31 -15.36 -9.08
C THR A 174 2.37 -14.35 -9.46
N SER A 175 3.66 -14.60 -9.21
CA SER A 175 4.66 -13.64 -9.60
C SER A 175 4.86 -13.67 -11.11
N GLY A 176 4.83 -12.49 -11.74
CA GLY A 176 4.97 -12.35 -13.17
C GLY A 176 3.67 -12.46 -13.94
N VAL A 177 2.57 -12.74 -13.24
CA VAL A 177 1.25 -12.82 -13.85
C VAL A 177 0.74 -11.43 -14.16
N HIS A 178 0.21 -11.24 -15.36
CA HIS A 178 -0.53 -10.01 -15.66
C HIS A 178 -1.71 -10.38 -16.55
N THR A 179 -2.92 -10.15 -16.05
CA THR A 179 -4.14 -10.34 -16.81
C THR A 179 -4.56 -9.00 -17.42
N PHE A 180 -4.67 -8.96 -18.74
CA PHE A 180 -4.96 -7.72 -19.43
C PHE A 180 -6.45 -7.39 -19.35
N PRO A 181 -6.80 -6.16 -19.69
CA PRO A 181 -8.21 -5.83 -19.80
C PRO A 181 -8.81 -6.50 -21.02
N ALA A 182 -10.12 -6.70 -20.95
CA ALA A 182 -10.85 -7.23 -22.08
C ALA A 182 -10.80 -6.28 -23.27
N VAL A 183 -11.07 -6.82 -24.45
CA VAL A 183 -11.31 -6.04 -25.65
C VAL A 183 -12.69 -6.45 -26.16
N LEU A 184 -13.41 -5.49 -26.74
CA LEU A 184 -14.74 -5.72 -27.25
C LEU A 184 -14.63 -5.61 -28.76
N GLN A 185 -14.83 -6.74 -29.44
CA GLN A 185 -14.68 -6.77 -30.88
C GLN A 185 -15.96 -6.37 -31.58
N SER A 186 -15.81 -5.97 -32.84
CA SER A 186 -16.94 -5.68 -33.70
C SER A 186 -17.88 -6.88 -33.84
N SER A 187 -17.48 -8.05 -33.35
CA SER A 187 -18.43 -9.14 -33.28
C SER A 187 -19.37 -8.98 -32.09
N GLY A 188 -19.03 -8.16 -31.10
CA GLY A 188 -19.83 -8.07 -29.89
C GLY A 188 -19.40 -9.02 -28.78
N LEU A 189 -18.35 -9.80 -28.99
CA LEU A 189 -17.85 -10.74 -28.03
C LEU A 189 -16.52 -10.21 -27.46
N TYR A 190 -16.25 -10.57 -26.21
CA TYR A 190 -15.05 -10.06 -25.53
C TYR A 190 -13.87 -11.03 -25.65
N SER A 191 -12.68 -10.46 -25.52
CA SER A 191 -11.46 -11.24 -25.50
C SER A 191 -10.48 -10.56 -24.55
N LEU A 192 -9.73 -11.36 -23.80
CA LEU A 192 -8.58 -10.88 -23.03
C LEU A 192 -7.49 -11.94 -23.03
N SER A 193 -6.31 -11.52 -22.56
CA SER A 193 -5.15 -12.40 -22.40
C SER A 193 -4.63 -12.29 -20.98
N SER A 194 -4.07 -13.40 -20.51
CA SER A 194 -3.29 -13.43 -19.27
C SER A 194 -1.91 -13.97 -19.59
N VAL A 195 -0.88 -13.26 -19.19
CA VAL A 195 0.47 -13.66 -19.52
C VAL A 195 1.28 -13.81 -18.23
N VAL A 196 2.30 -14.66 -18.27
CA VAL A 196 3.24 -14.78 -17.16
C VAL A 196 4.64 -14.93 -17.71
N THR A 197 5.57 -14.16 -17.15
CA THR A 197 6.98 -14.27 -17.51
C THR A 197 7.64 -15.21 -16.52
N VAL A 198 8.40 -16.18 -17.03
CA VAL A 198 8.94 -17.26 -16.22
C VAL A 198 10.45 -17.37 -16.47
N PRO A 199 11.18 -17.92 -15.49
CA PRO A 199 12.57 -18.31 -15.74
C PRO A 199 12.69 -19.28 -16.91
N SER A 200 13.60 -18.95 -17.84
CA SER A 200 13.68 -19.66 -19.12
C SER A 200 13.91 -21.15 -18.93
N SER A 201 14.72 -21.54 -17.95
CA SER A 201 15.12 -22.93 -17.83
C SER A 201 14.12 -23.76 -17.02
N SER A 202 12.96 -23.20 -16.72
CA SER A 202 11.92 -23.93 -15.98
C SER A 202 10.96 -24.67 -16.90
N LEU A 203 11.16 -24.58 -18.20
CA LEU A 203 10.16 -25.07 -19.13
C LEU A 203 10.18 -26.60 -19.23
N GLY A 204 11.31 -27.23 -18.95
CA GLY A 204 11.37 -28.67 -19.04
C GLY A 204 10.98 -29.38 -17.76
N THR A 205 10.86 -28.63 -16.68
CA THR A 205 10.64 -29.21 -15.38
C THR A 205 9.35 -28.78 -14.73
N GLN A 206 8.83 -27.59 -15.03
CA GLN A 206 7.56 -27.16 -14.45
C GLN A 206 6.44 -27.08 -15.48
N THR A 207 5.23 -27.18 -14.95
CA THR A 207 4.00 -27.16 -15.73
C THR A 207 3.20 -25.88 -15.47
N TYR A 208 2.71 -25.28 -16.54
CA TYR A 208 2.01 -24.01 -16.46
C TYR A 208 0.58 -24.20 -16.98
N ILE A 209 -0.40 -24.02 -16.09
CA ILE A 209 -1.80 -24.25 -16.41
C ILE A 209 -2.59 -23.01 -16.02
N CYS A 210 -3.24 -22.38 -16.99
CA CYS A 210 -4.05 -21.23 -16.65
C CYS A 210 -5.49 -21.65 -16.42
N ASN A 211 -6.10 -21.09 -15.41
CA ASN A 211 -7.43 -21.48 -14.98
C ASN A 211 -8.36 -20.33 -15.34
N VAL A 212 -9.23 -20.58 -16.30
CA VAL A 212 -10.12 -19.56 -16.84
C VAL A 212 -11.49 -19.85 -16.28
N ASN A 213 -12.08 -18.87 -15.63
CA ASN A 213 -13.40 -19.01 -15.01
C ASN A 213 -14.34 -17.93 -15.54
N HIS A 214 -15.49 -18.37 -16.05
CA HIS A 214 -16.51 -17.49 -16.62
C HIS A 214 -17.85 -17.90 -15.99
N LYS A 215 -18.19 -17.29 -14.85
CA LYS A 215 -19.45 -17.67 -14.18
C LYS A 215 -20.71 -17.44 -15.01
N PRO A 216 -20.86 -16.34 -15.80
CA PRO A 216 -22.08 -16.16 -16.60
C PRO A 216 -22.48 -17.35 -17.48
N SER A 217 -21.58 -18.30 -17.76
CA SER A 217 -21.99 -19.44 -18.59
C SER A 217 -21.61 -20.78 -17.97
N ASN A 218 -21.30 -20.81 -16.66
CA ASN A 218 -20.85 -22.01 -15.94
C ASN A 218 -19.63 -22.66 -16.56
N THR A 219 -18.83 -21.88 -17.29
CA THR A 219 -17.68 -22.41 -17.99
C THR A 219 -16.48 -22.25 -17.08
N LYS A 220 -15.77 -23.36 -16.87
CA LYS A 220 -14.49 -23.36 -16.20
C LYS A 220 -13.58 -24.17 -17.09
N VAL A 221 -12.41 -23.64 -17.41
CA VAL A 221 -11.52 -24.29 -18.36
C VAL A 221 -10.10 -24.28 -17.83
N ASP A 222 -9.47 -25.45 -17.82
CA ASP A 222 -8.07 -25.57 -17.42
C ASP A 222 -7.26 -25.90 -18.66
N LYS A 223 -6.33 -25.03 -19.01
CA LYS A 223 -5.58 -25.19 -20.23
C LYS A 223 -4.09 -25.19 -19.89
N ARG A 224 -3.40 -26.25 -20.31
CA ARG A 224 -1.99 -26.39 -20.03
C ARG A 224 -1.19 -25.80 -21.18
N VAL A 225 -0.16 -25.03 -20.85
CA VAL A 225 0.61 -24.31 -21.86
C VAL A 225 1.98 -24.94 -21.92
N GLU A 226 2.31 -25.54 -23.06
CA GLU A 226 3.58 -26.20 -23.25
C GLU A 226 4.39 -25.48 -24.32
N PRO A 227 5.68 -25.71 -24.36
CA PRO A 227 6.51 -25.06 -25.38
C PRO A 227 6.29 -25.61 -26.78
N LYS A 228 6.47 -24.75 -27.77
CA LYS A 228 6.26 -25.15 -29.14
C LYS A 228 7.39 -26.07 -29.64
N GLN B 1 0.09 -24.13 10.05
CA GLN B 1 0.39 -22.78 10.51
C GLN B 1 1.48 -22.70 11.59
N VAL B 2 2.66 -22.37 11.20
CA VAL B 2 3.75 -22.30 12.17
C VAL B 2 3.78 -20.92 12.81
N GLN B 3 3.99 -20.87 14.12
CA GLN B 3 4.20 -19.56 14.72
C GLN B 3 4.99 -19.64 16.02
N LEU B 4 5.87 -18.67 16.21
CA LEU B 4 6.68 -18.52 17.41
C LEU B 4 6.28 -17.19 18.06
N VAL B 5 5.82 -17.23 19.29
CA VAL B 5 5.32 -16.02 19.93
C VAL B 5 6.05 -15.78 21.26
N GLU B 6 6.85 -14.71 21.30
CA GLU B 6 7.64 -14.37 22.49
C GLU B 6 6.80 -13.68 23.55
N SER B 7 7.19 -13.89 24.81
CA SER B 7 6.55 -13.23 25.94
C SER B 7 7.61 -12.74 26.89
N GLY B 8 7.18 -12.05 27.94
CA GLY B 8 8.15 -11.44 28.84
C GLY B 8 8.68 -10.21 28.11
N GLY B 9 9.36 -9.36 28.83
CA GLY B 9 9.83 -8.22 28.05
C GLY B 9 9.15 -6.99 28.59
N GLY B 10 9.90 -5.93 28.68
CA GLY B 10 9.51 -4.71 29.32
C GLY B 10 10.75 -4.04 29.92
N VAL B 11 10.54 -3.31 31.00
CA VAL B 11 11.60 -2.52 31.61
C VAL B 11 12.12 -3.26 32.82
N VAL B 12 13.45 -3.30 32.94
CA VAL B 12 14.15 -3.91 34.05
C VAL B 12 15.34 -3.03 34.36
N GLN B 13 15.74 -3.02 35.63
CA GLN B 13 16.85 -2.23 36.12
C GLN B 13 18.17 -2.98 35.93
N PRO B 14 19.27 -2.26 35.65
CA PRO B 14 20.56 -2.94 35.45
C PRO B 14 20.88 -3.83 36.64
N GLY B 15 21.59 -4.93 36.36
CA GLY B 15 21.93 -5.88 37.37
C GLY B 15 20.82 -6.77 37.82
N ARG B 16 19.59 -6.58 37.34
CA ARG B 16 18.53 -7.50 37.69
C ARG B 16 18.31 -8.52 36.57
N SER B 17 17.24 -9.31 36.69
CA SER B 17 17.05 -10.49 35.85
C SER B 17 15.69 -10.45 35.16
N LEU B 18 15.53 -11.31 34.15
CA LEU B 18 14.32 -11.37 33.33
C LEU B 18 14.30 -12.67 32.54
N ARG B 19 13.17 -13.37 32.56
CA ARG B 19 12.98 -14.60 31.80
C ARG B 19 12.09 -14.28 30.61
N LEU B 20 12.65 -14.41 29.41
CA LEU B 20 11.86 -14.38 28.18
C LEU B 20 11.30 -15.77 27.92
N SER B 21 10.17 -15.81 27.24
CA SER B 21 9.51 -17.04 26.88
C SER B 21 9.12 -16.96 25.40
N CYS B 22 8.87 -18.13 24.81
CA CYS B 22 8.45 -18.24 23.40
C CYS B 22 7.54 -19.44 23.28
N ALA B 23 6.31 -19.21 22.84
CA ALA B 23 5.32 -20.28 22.62
C ALA B 23 5.35 -20.74 21.16
N ALA B 24 5.41 -22.04 20.94
CA ALA B 24 5.54 -22.62 19.61
C ALA B 24 4.26 -23.32 19.16
N SER B 25 3.83 -23.04 17.92
CA SER B 25 2.67 -23.69 17.32
C SER B 25 2.98 -24.12 15.90
N GLY B 26 2.37 -25.23 15.48
CA GLY B 26 2.34 -25.58 14.08
C GLY B 26 3.37 -26.56 13.61
N PHE B 27 4.17 -27.12 14.51
CA PHE B 27 5.20 -28.05 14.10
C PHE B 27 5.63 -28.87 15.31
N THR B 28 6.26 -30.01 15.06
CA THR B 28 6.62 -30.88 16.18
C THR B 28 7.81 -30.25 16.89
N PHE B 29 7.47 -29.31 17.81
CA PHE B 29 8.45 -28.44 18.46
C PHE B 29 9.60 -29.23 19.07
N SER B 30 9.32 -30.40 19.64
CA SER B 30 10.34 -31.19 20.34
C SER B 30 11.39 -31.79 19.42
N ASN B 31 11.33 -31.61 18.10
CA ASN B 31 12.34 -32.14 17.19
C ASN B 31 13.23 -31.07 16.57
N TYR B 32 12.98 -29.80 16.82
CA TYR B 32 13.75 -28.73 16.19
C TYR B 32 14.69 -28.07 17.20
N ALA B 33 15.81 -27.57 16.70
CA ALA B 33 16.63 -26.70 17.51
C ALA B 33 15.98 -25.31 17.61
N MET B 34 16.34 -24.56 18.65
CA MET B 34 15.72 -23.26 18.91
C MET B 34 16.77 -22.25 19.31
N HIS B 35 16.63 -21.03 18.77
CA HIS B 35 17.59 -19.95 18.95
C HIS B 35 16.94 -18.78 19.68
N TRP B 36 17.81 -17.89 20.21
CA TRP B 36 17.46 -16.54 20.58
C TRP B 36 18.39 -15.64 19.79
N VAL B 37 17.82 -14.59 19.20
CA VAL B 37 18.56 -13.59 18.44
C VAL B 37 18.05 -12.24 18.93
N ARG B 38 18.91 -11.24 18.95
CA ARG B 38 18.48 -9.94 19.44
C ARG B 38 18.95 -8.84 18.52
N GLN B 39 18.26 -7.70 18.57
CA GLN B 39 18.62 -6.55 17.77
C GLN B 39 18.50 -5.28 18.60
N ALA B 40 19.63 -4.65 18.90
CA ALA B 40 19.61 -3.35 19.62
C ALA B 40 19.03 -2.28 18.72
N PRO B 41 18.49 -1.19 19.29
CA PRO B 41 17.82 -0.18 18.46
C PRO B 41 18.78 0.41 17.42
N GLY B 42 18.41 0.25 16.14
CA GLY B 42 19.20 0.77 15.04
C GLY B 42 20.51 0.07 14.76
N LYS B 43 20.74 -1.08 15.40
CA LYS B 43 21.90 -1.93 15.20
C LYS B 43 21.53 -3.15 14.35
N GLY B 44 22.54 -3.96 14.04
CA GLY B 44 22.31 -5.18 13.29
C GLY B 44 21.75 -6.31 14.16
N LEU B 45 21.51 -7.44 13.51
CA LEU B 45 21.12 -8.65 14.21
C LEU B 45 22.34 -9.24 14.90
N GLU B 46 22.12 -9.78 16.10
CA GLU B 46 23.15 -10.45 16.87
C GLU B 46 22.62 -11.78 17.39
N TRP B 47 23.32 -12.87 17.03
CA TRP B 47 22.95 -14.19 17.56
C TRP B 47 23.36 -14.29 19.04
N VAL B 48 22.45 -14.84 19.87
CA VAL B 48 22.61 -14.84 21.33
C VAL B 48 22.89 -16.26 21.85
N ALA B 49 22.00 -17.22 21.58
CA ALA B 49 22.10 -18.60 22.05
C ALA B 49 21.26 -19.56 21.18
N VAL B 50 21.63 -20.84 21.23
CA VAL B 50 20.87 -21.91 20.58
C VAL B 50 20.78 -23.11 21.51
N ILE B 51 19.69 -23.86 21.43
CA ILE B 51 19.58 -25.11 22.17
C ILE B 51 19.14 -26.24 21.24
N SER B 52 19.78 -27.39 21.40
CA SER B 52 19.48 -28.55 20.59
C SER B 52 18.09 -29.08 20.94
N TYR B 53 17.59 -29.99 20.10
CA TYR B 53 16.19 -30.36 20.20
C TYR B 53 15.84 -30.95 21.55
N ASP B 54 16.77 -31.65 22.21
CA ASP B 54 16.49 -32.36 23.46
C ASP B 54 17.02 -31.62 24.69
N GLY B 55 17.73 -30.52 24.50
CA GLY B 55 18.28 -29.77 25.60
C GLY B 55 19.61 -30.24 26.11
N SER B 56 20.27 -31.16 25.45
CA SER B 56 21.55 -31.62 25.96
C SER B 56 22.70 -30.74 25.51
N ASN B 57 22.50 -29.92 24.49
CA ASN B 57 23.54 -29.07 23.95
C ASN B 57 23.00 -27.65 23.88
N LYS B 58 23.76 -26.71 24.43
CA LYS B 58 23.46 -25.29 24.44
C LYS B 58 24.73 -24.54 24.05
N TYR B 59 24.60 -23.52 23.21
CA TYR B 59 25.73 -22.65 22.91
C TYR B 59 25.31 -21.19 23.05
N TYR B 60 26.30 -20.33 23.39
CA TYR B 60 26.04 -18.94 23.77
C TYR B 60 27.00 -17.99 23.07
N ALA B 61 26.48 -16.81 22.69
CA ALA B 61 27.35 -15.76 22.19
C ALA B 61 28.26 -15.26 23.31
N ASP B 62 29.50 -14.92 22.94
CA ASP B 62 30.47 -14.51 23.95
C ASP B 62 29.94 -13.38 24.81
N SER B 63 29.25 -12.44 24.20
CA SER B 63 28.71 -11.30 24.92
C SER B 63 27.65 -11.66 25.94
N VAL B 64 27.29 -12.93 26.16
CA VAL B 64 26.23 -13.27 27.10
C VAL B 64 26.64 -14.48 27.93
N LYS B 65 27.81 -15.05 27.61
CA LYS B 65 28.25 -16.28 28.27
C LYS B 65 28.56 -16.01 29.73
N GLY B 66 28.02 -16.84 30.62
CA GLY B 66 28.11 -16.64 32.02
C GLY B 66 26.88 -15.99 32.63
N ARG B 67 26.16 -15.16 31.87
CA ARG B 67 24.98 -14.46 32.38
C ARG B 67 23.66 -15.06 31.90
N PHE B 68 23.57 -15.47 30.64
CA PHE B 68 22.32 -15.96 30.09
C PHE B 68 22.23 -17.46 30.16
N THR B 69 21.02 -17.96 30.04
CA THR B 69 20.77 -19.38 30.10
C THR B 69 19.55 -19.72 29.25
N ILE B 70 19.76 -20.56 28.23
CA ILE B 70 18.66 -21.04 27.41
C ILE B 70 18.19 -22.37 27.93
N SER B 71 16.88 -22.58 27.91
CA SER B 71 16.34 -23.87 28.26
C SER B 71 15.01 -24.02 27.53
N ARG B 72 14.43 -25.22 27.63
CA ARG B 72 13.19 -25.49 26.93
C ARG B 72 12.37 -26.50 27.71
N ASP B 73 11.05 -26.40 27.55
CA ASP B 73 10.10 -27.40 28.07
C ASP B 73 9.38 -28.01 26.86
N ASN B 74 9.82 -29.18 26.43
CA ASN B 74 9.23 -29.75 25.23
C ASN B 74 7.79 -30.18 25.47
N SER B 75 7.47 -30.55 26.72
CA SER B 75 6.12 -30.97 27.07
C SER B 75 5.11 -29.84 26.92
N LYS B 76 5.55 -28.60 27.07
CA LYS B 76 4.67 -27.45 26.97
C LYS B 76 5.03 -26.56 25.79
N ASN B 77 5.92 -27.02 24.90
CA ASN B 77 6.24 -26.31 23.65
C ASN B 77 6.78 -24.91 23.90
N THR B 78 7.65 -24.77 24.89
CA THR B 78 8.07 -23.43 25.28
C THR B 78 9.59 -23.34 25.28
N LEU B 79 10.09 -22.22 24.79
CA LEU B 79 11.50 -21.87 24.83
C LEU B 79 11.68 -20.72 25.82
N TYR B 80 12.76 -20.78 26.61
CA TYR B 80 13.04 -19.81 27.66
C TYR B 80 14.42 -19.20 27.47
N LEU B 81 14.56 -17.93 27.87
CA LEU B 81 15.85 -17.28 27.97
C LEU B 81 15.92 -16.56 29.30
N GLN B 82 16.75 -17.07 30.22
CA GLN B 82 16.97 -16.41 31.49
C GLN B 82 18.12 -15.44 31.34
N MET B 83 17.83 -14.15 31.54
CA MET B 83 18.84 -13.12 31.51
C MET B 83 19.12 -12.66 32.94
N ASN B 84 20.40 -12.57 33.27
CA ASN B 84 20.87 -12.20 34.59
C ASN B 84 21.88 -11.08 34.45
N SER B 85 22.02 -10.28 35.50
CA SER B 85 22.99 -9.20 35.53
C SER B 85 22.85 -8.34 34.29
N LEU B 86 21.64 -7.85 34.10
CA LEU B 86 21.37 -7.18 32.85
C LEU B 86 22.13 -5.86 32.80
N ARG B 87 22.63 -5.52 31.63
CA ARG B 87 23.34 -4.29 31.36
C ARG B 87 22.54 -3.48 30.35
N ALA B 88 22.77 -2.17 30.34
CA ALA B 88 22.02 -1.32 29.41
C ALA B 88 22.29 -1.70 27.95
N GLU B 89 23.42 -2.34 27.67
CA GLU B 89 23.74 -2.84 26.33
C GLU B 89 22.96 -4.09 25.98
N ASP B 90 22.20 -4.66 26.89
CA ASP B 90 21.30 -5.74 26.57
C ASP B 90 19.95 -5.25 26.08
N THR B 91 19.80 -3.95 25.86
CA THR B 91 18.53 -3.42 25.39
C THR B 91 18.36 -3.75 23.92
N ALA B 92 17.25 -4.39 23.58
CA ALA B 92 17.10 -4.90 22.22
C ALA B 92 15.71 -5.49 22.04
N ILE B 93 15.38 -5.78 20.78
CA ILE B 93 14.28 -6.69 20.49
C ILE B 93 14.84 -8.12 20.45
N TYR B 94 14.14 -9.02 21.13
CA TYR B 94 14.52 -10.42 21.29
C TYR B 94 13.58 -11.31 20.48
N TYR B 95 14.12 -11.99 19.48
CA TYR B 95 13.35 -12.95 18.68
C TYR B 95 13.71 -14.39 19.04
N CYS B 96 12.74 -15.30 19.04
CA CYS B 96 13.13 -16.71 18.96
C CYS B 96 13.09 -17.16 17.51
N ALA B 97 13.74 -18.29 17.26
CA ALA B 97 13.85 -18.80 15.91
C ALA B 97 13.98 -20.30 16.02
N SER B 98 13.57 -21.00 14.97
CA SER B 98 13.70 -22.45 14.91
C SER B 98 14.41 -22.82 13.64
N GLY B 99 14.83 -24.07 13.60
CA GLY B 99 15.47 -24.65 12.42
C GLY B 99 15.74 -26.11 12.66
N TYR B 100 16.23 -26.76 11.62
CA TYR B 100 16.57 -28.18 11.65
C TYR B 100 17.96 -28.37 12.28
N THR B 101 18.38 -29.62 12.44
CA THR B 101 19.73 -29.94 12.93
C THR B 101 20.49 -30.71 11.88
N GLY B 102 21.50 -30.09 11.26
CA GLY B 102 22.19 -30.67 10.13
C GLY B 102 23.62 -31.07 10.40
N TYR B 103 24.15 -31.87 9.48
CA TYR B 103 25.54 -32.27 9.54
C TYR B 103 26.33 -31.50 8.51
N ASP B 104 27.41 -30.85 8.93
CA ASP B 104 28.22 -30.07 8.00
C ASP B 104 29.62 -30.67 7.90
N TYR B 105 30.06 -30.90 6.66
CA TYR B 105 31.33 -31.59 6.46
C TYR B 105 32.52 -30.72 6.79
N PHE B 106 32.38 -29.40 6.70
CA PHE B 106 33.52 -28.53 6.93
C PHE B 106 33.68 -28.14 8.38
N VAL B 107 32.63 -28.33 9.18
CA VAL B 107 32.75 -28.19 10.63
C VAL B 107 32.88 -29.56 11.27
N ARG B 108 32.57 -30.63 10.55
CA ARG B 108 32.71 -32.00 11.03
C ARG B 108 31.88 -32.22 12.29
N GLY B 109 30.70 -31.64 12.31
CA GLY B 109 29.76 -31.90 13.37
C GLY B 109 28.45 -31.26 13.02
N ASP B 110 27.61 -31.12 14.04
CA ASP B 110 26.29 -30.52 13.87
C ASP B 110 26.34 -29.01 13.67
N TYR B 111 25.44 -28.51 12.85
CA TYR B 111 25.09 -27.10 12.88
C TYR B 111 23.59 -27.04 13.13
N TYR B 112 23.10 -25.89 13.62
CA TYR B 112 21.68 -25.72 13.92
C TYR B 112 21.11 -24.67 12.97
N GLY B 113 20.15 -25.08 12.14
CA GLY B 113 19.60 -24.19 11.16
C GLY B 113 18.71 -23.15 11.80
N LEU B 114 18.59 -22.00 11.14
CA LEU B 114 17.76 -20.91 11.64
C LEU B 114 16.89 -20.50 10.47
N ASP B 115 15.65 -20.94 10.46
CA ASP B 115 14.89 -20.71 9.25
C ASP B 115 13.48 -20.21 9.49
N VAL B 116 13.09 -19.92 10.72
CA VAL B 116 11.78 -19.37 11.04
C VAL B 116 11.93 -18.39 12.18
N TRP B 117 11.41 -17.19 11.99
CA TRP B 117 11.56 -16.10 12.94
C TRP B 117 10.26 -15.80 13.68
N GLY B 118 10.38 -15.39 14.94
CA GLY B 118 9.26 -14.93 15.72
C GLY B 118 9.03 -13.44 15.51
N GLN B 119 8.06 -12.90 16.25
CA GLN B 119 7.72 -11.50 16.08
C GLN B 119 8.60 -10.57 16.91
N GLY B 120 9.00 -10.97 18.11
CA GLY B 120 9.87 -10.19 18.96
C GLY B 120 9.19 -9.74 20.27
N THR B 121 10.01 -9.36 21.24
CA THR B 121 9.62 -8.65 22.45
C THR B 121 10.75 -7.72 22.82
N THR B 122 10.40 -6.57 23.37
CA THR B 122 11.37 -5.53 23.64
C THR B 122 11.81 -5.59 25.10
N VAL B 123 13.11 -5.49 25.30
CA VAL B 123 13.69 -5.54 26.62
C VAL B 123 14.47 -4.25 26.75
N THR B 124 14.09 -3.44 27.72
CA THR B 124 14.68 -2.14 27.95
C THR B 124 15.35 -2.22 29.31
N VAL B 125 16.64 -1.93 29.35
CA VAL B 125 17.42 -2.02 30.57
C VAL B 125 17.85 -0.60 30.91
N SER B 126 17.27 -0.05 31.96
CA SER B 126 17.52 1.33 32.35
C SER B 126 17.28 1.46 33.84
N SER B 127 18.12 2.25 34.49
CA SER B 127 17.88 2.62 35.87
C SER B 127 16.98 3.86 35.98
N ALA B 128 16.58 4.44 34.85
CA ALA B 128 15.65 5.55 34.86
C ALA B 128 14.30 5.16 35.47
N SER B 129 13.62 6.15 36.03
CA SER B 129 12.32 6.01 36.64
C SER B 129 11.25 6.58 35.72
N THR B 130 10.05 5.99 35.74
CA THR B 130 8.97 6.44 34.86
C THR B 130 8.76 7.95 34.97
N LYS B 131 8.54 8.59 33.82
CA LYS B 131 8.50 10.05 33.79
C LYS B 131 7.72 10.50 32.57
N GLY B 132 6.80 11.43 32.78
CA GLY B 132 6.04 12.04 31.70
C GLY B 132 6.91 13.04 30.96
N PRO B 133 6.53 13.37 29.73
CA PRO B 133 7.38 14.26 28.92
C PRO B 133 7.13 15.73 29.14
N SER B 134 8.17 16.52 28.91
CA SER B 134 8.03 17.96 28.77
C SER B 134 7.87 18.27 27.29
N VAL B 135 6.94 19.14 26.96
CA VAL B 135 6.60 19.40 25.57
C VAL B 135 6.90 20.85 25.27
N PHE B 136 7.87 21.08 24.40
CA PHE B 136 8.28 22.42 24.05
C PHE B 136 7.99 22.68 22.60
N PRO B 137 7.65 23.92 22.24
CA PRO B 137 7.23 24.21 20.86
C PRO B 137 8.38 24.54 19.94
N LEU B 138 8.32 24.00 18.73
CA LEU B 138 9.25 24.36 17.66
C LEU B 138 8.58 25.37 16.73
N ALA B 139 8.58 26.63 17.17
CA ALA B 139 7.89 27.71 16.47
C ALA B 139 8.54 28.02 15.12
N PRO B 140 7.74 28.29 14.08
CA PRO B 140 8.30 28.61 12.75
C PRO B 140 8.89 30.02 12.70
N SER B 141 9.52 30.32 11.56
CA SER B 141 10.07 31.65 11.32
C SER B 141 9.56 32.20 9.99
N THR B 149 5.53 27.81 2.00
CA THR B 149 5.64 26.66 2.89
C THR B 149 6.45 26.90 4.22
N ALA B 150 5.93 26.43 5.36
CA ALA B 150 6.60 26.60 6.65
C ALA B 150 6.51 25.35 7.52
N ALA B 151 7.53 25.13 8.35
CA ALA B 151 7.60 23.96 9.22
C ALA B 151 7.51 24.37 10.68
N LEU B 152 6.70 23.63 11.44
CA LEU B 152 6.55 23.87 12.86
C LEU B 152 6.33 22.53 13.54
N GLY B 153 6.61 22.47 14.83
CA GLY B 153 6.39 21.22 15.51
C GLY B 153 6.48 21.30 17.00
N CYS B 154 6.59 20.11 17.59
CA CYS B 154 6.65 19.86 19.03
C CYS B 154 7.86 19.01 19.34
N LEU B 155 8.60 19.42 20.35
CA LEU B 155 9.71 18.66 20.93
C LEU B 155 9.19 18.00 22.19
N VAL B 156 9.11 16.67 22.18
CA VAL B 156 8.63 15.87 23.31
C VAL B 156 9.87 15.34 24.01
N LYS B 157 10.21 15.99 25.11
CA LYS B 157 11.54 15.95 25.69
C LYS B 157 11.51 15.13 26.97
N ASP B 158 12.50 14.26 27.12
CA ASP B 158 12.90 13.69 28.40
C ASP B 158 11.78 12.88 29.05
N TYR B 159 11.37 11.82 28.36
CA TYR B 159 10.37 10.92 28.93
C TYR B 159 10.96 9.53 29.03
N PHE B 160 10.27 8.65 29.78
CA PHE B 160 10.62 7.25 30.00
C PHE B 160 9.47 6.45 30.63
N PRO B 161 9.21 5.22 30.15
CA PRO B 161 9.82 4.64 28.97
C PRO B 161 8.93 4.95 27.79
N GLU B 162 9.27 4.39 26.63
CA GLU B 162 8.40 4.50 25.48
C GLU B 162 7.13 3.70 25.72
N PRO B 163 6.06 3.98 24.95
CA PRO B 163 5.96 5.01 23.93
C PRO B 163 5.15 6.27 24.28
N VAL B 164 5.27 7.22 23.35
CA VAL B 164 4.55 8.49 23.34
C VAL B 164 3.76 8.53 22.05
N THR B 165 2.50 8.99 22.11
CA THR B 165 1.72 9.18 20.89
C THR B 165 1.43 10.66 20.72
N VAL B 166 1.48 11.12 19.47
CA VAL B 166 1.38 12.53 19.16
C VAL B 166 0.35 12.72 18.06
N SER B 167 -0.77 13.35 18.40
CA SER B 167 -1.75 13.82 17.43
C SER B 167 -1.71 15.33 17.35
N TRP B 168 -2.22 15.87 16.25
CA TRP B 168 -2.23 17.30 15.96
C TRP B 168 -3.65 17.82 15.76
N ASN B 169 -4.01 18.87 16.52
CA ASN B 169 -5.36 19.44 16.52
C ASN B 169 -6.41 18.36 16.79
N SER B 170 -6.10 17.46 17.72
CA SER B 170 -7.02 16.40 18.17
C SER B 170 -7.44 15.50 17.01
N GLY B 171 -6.50 15.22 16.11
CA GLY B 171 -6.72 14.44 14.92
C GLY B 171 -7.17 15.22 13.69
N ALA B 172 -7.67 16.45 13.87
CA ALA B 172 -8.15 17.23 12.73
C ALA B 172 -7.08 17.52 11.69
N LEU B 173 -5.80 17.43 12.07
CA LEU B 173 -4.69 17.83 11.21
C LEU B 173 -3.76 16.64 11.01
N THR B 174 -3.65 16.16 9.76
CA THR B 174 -2.81 15.01 9.45
C THR B 174 -1.97 15.18 8.20
N SER B 175 -2.38 16.00 7.24
CA SER B 175 -1.55 16.19 6.05
C SER B 175 -0.33 17.01 6.42
N GLY B 176 0.86 16.50 6.07
CA GLY B 176 2.10 17.17 6.39
C GLY B 176 2.69 16.82 7.74
N VAL B 177 2.00 16.02 8.55
CA VAL B 177 2.51 15.60 9.84
C VAL B 177 3.56 14.51 9.66
N HIS B 178 4.68 14.65 10.37
CA HIS B 178 5.69 13.61 10.45
C HIS B 178 6.19 13.56 11.88
N THR B 179 5.97 12.42 12.54
CA THR B 179 6.48 12.17 13.89
C THR B 179 7.72 11.29 13.80
N PHE B 180 8.82 11.76 14.34
CA PHE B 180 10.08 11.07 14.19
C PHE B 180 10.18 9.94 15.19
N PRO B 181 11.19 9.09 15.04
CA PRO B 181 11.52 8.12 16.10
C PRO B 181 12.12 8.78 17.33
N ALA B 182 11.95 8.13 18.46
CA ALA B 182 12.59 8.58 19.68
C ALA B 182 14.11 8.45 19.59
N VAL B 183 14.79 9.25 20.38
CA VAL B 183 16.23 9.12 20.63
C VAL B 183 16.45 9.01 22.13
N LEU B 184 17.47 8.25 22.49
CA LEU B 184 17.80 7.99 23.88
C LEU B 184 19.05 8.76 24.22
N GLN B 185 18.92 9.72 25.12
CA GLN B 185 19.99 10.63 25.49
C GLN B 185 20.91 10.01 26.53
N SER B 186 22.04 10.69 26.74
CA SER B 186 22.97 10.35 27.81
C SER B 186 22.34 10.45 29.20
N SER B 187 21.15 11.02 29.33
CA SER B 187 20.43 10.98 30.60
C SER B 187 19.73 9.66 30.85
N GLY B 188 19.48 8.87 29.81
CA GLY B 188 18.63 7.70 29.95
C GLY B 188 17.20 7.98 29.63
N LEU B 189 16.86 9.21 29.25
CA LEU B 189 15.51 9.63 28.91
C LEU B 189 15.34 9.82 27.40
N TYR B 190 14.14 9.55 26.93
CA TYR B 190 13.84 9.56 25.50
C TYR B 190 13.29 10.92 25.07
N SER B 191 13.44 11.22 23.78
CA SER B 191 12.96 12.46 23.19
C SER B 191 12.52 12.19 21.76
N LEU B 192 11.46 12.86 21.31
CA LEU B 192 11.16 12.82 19.89
C LEU B 192 10.58 14.17 19.48
N SER B 193 10.46 14.37 18.17
CA SER B 193 9.83 15.55 17.60
C SER B 193 8.71 15.13 16.69
N SER B 194 7.70 15.98 16.63
CA SER B 194 6.62 15.84 15.68
C SER B 194 6.54 17.15 14.91
N VAL B 195 6.54 17.09 13.59
CA VAL B 195 6.56 18.30 12.80
C VAL B 195 5.37 18.32 11.86
N VAL B 196 4.98 19.53 11.46
CA VAL B 196 3.91 19.72 10.47
C VAL B 196 4.34 20.78 9.48
N THR B 197 4.19 20.49 8.19
CA THR B 197 4.44 21.44 7.12
C THR B 197 3.12 22.12 6.76
N VAL B 198 3.11 23.45 6.75
CA VAL B 198 1.85 24.15 6.56
C VAL B 198 1.99 25.18 5.45
N PRO B 199 0.88 25.53 4.78
CA PRO B 199 0.88 26.71 3.89
C PRO B 199 1.46 27.92 4.59
N SER B 200 2.36 28.61 3.86
CA SER B 200 3.21 29.64 4.45
C SER B 200 2.39 30.74 5.14
N SER B 201 1.31 31.19 4.50
CA SER B 201 0.51 32.32 4.96
C SER B 201 -0.69 31.93 5.82
N SER B 202 -0.72 30.70 6.33
CA SER B 202 -1.75 30.24 7.25
C SER B 202 -1.34 30.39 8.72
N LEU B 203 -0.15 30.93 9.00
CA LEU B 203 0.42 30.83 10.34
C LEU B 203 -0.29 31.71 11.34
N GLY B 204 -0.84 32.83 10.92
CA GLY B 204 -1.47 33.69 11.90
C GLY B 204 -2.92 33.40 12.13
N THR B 205 -3.53 32.56 11.29
CA THR B 205 -4.97 32.45 11.25
C THR B 205 -5.49 31.11 11.75
N GLN B 206 -4.72 30.04 11.62
CA GLN B 206 -5.16 28.76 12.15
C GLN B 206 -4.38 28.48 13.41
N THR B 207 -4.93 27.62 14.25
CA THR B 207 -4.33 27.28 15.54
C THR B 207 -3.75 25.88 15.45
N TYR B 208 -2.52 25.73 15.94
CA TYR B 208 -1.76 24.47 15.84
C TYR B 208 -1.46 23.98 17.23
N ILE B 209 -2.04 22.85 17.60
CA ILE B 209 -1.93 22.28 18.93
C ILE B 209 -1.53 20.82 18.81
N CYS B 210 -0.39 20.45 19.37
CA CYS B 210 0.00 19.05 19.33
C CYS B 210 -0.38 18.35 20.64
N ASN B 211 -0.91 17.12 20.51
CA ASN B 211 -1.48 16.39 21.62
C ASN B 211 -0.61 15.18 21.92
N VAL B 212 0.10 15.22 23.03
CA VAL B 212 1.08 14.21 23.38
C VAL B 212 0.51 13.37 24.51
N ASN B 213 0.49 12.06 24.30
CA ASN B 213 -0.09 11.13 25.25
C ASN B 213 0.98 10.12 25.62
N HIS B 214 1.24 9.97 26.92
CA HIS B 214 2.27 9.07 27.46
C HIS B 214 1.63 8.16 28.50
N LYS B 215 1.13 7.02 28.04
CA LYS B 215 0.40 6.11 28.91
C LYS B 215 1.19 5.62 30.13
N PRO B 216 2.48 5.24 30.03
CA PRO B 216 3.21 4.78 31.22
C PRO B 216 3.09 5.65 32.45
N SER B 217 2.65 6.91 32.32
CA SER B 217 2.53 7.81 33.46
C SER B 217 1.20 8.56 33.48
N ASN B 218 0.22 8.13 32.68
CA ASN B 218 -1.11 8.76 32.62
C ASN B 218 -1.03 10.24 32.28
N THR B 219 -0.05 10.65 31.50
CA THR B 219 0.14 12.05 31.15
C THR B 219 -0.54 12.38 29.83
N LYS B 220 -1.30 13.47 29.82
CA LYS B 220 -1.87 14.02 28.60
C LYS B 220 -1.48 15.50 28.56
N VAL B 221 -0.90 15.92 27.44
CA VAL B 221 -0.31 17.24 27.32
C VAL B 221 -0.78 17.85 26.01
N ASP B 222 -1.31 19.07 26.07
CA ASP B 222 -1.71 19.81 24.88
C ASP B 222 -0.94 21.12 24.84
N LYS B 223 -0.17 21.32 23.78
CA LYS B 223 0.74 22.46 23.64
C LYS B 223 0.46 23.20 22.33
N ARG B 224 0.24 24.49 22.43
CA ARG B 224 -0.07 25.28 21.24
C ARG B 224 1.20 25.90 20.69
N VAL B 225 1.35 25.85 19.38
CA VAL B 225 2.55 26.32 18.71
C VAL B 225 2.20 27.58 17.93
N GLU B 226 2.72 28.70 18.38
CA GLU B 226 2.48 30.01 17.77
C GLU B 226 3.76 30.49 17.12
N PRO B 227 3.68 31.49 16.24
CA PRO B 227 4.93 31.99 15.63
C PRO B 227 5.73 32.77 16.65
N LYS B 228 7.05 32.72 16.51
CA LYS B 228 7.94 33.33 17.51
C LYS B 228 7.88 34.85 17.44
N SER B 229 7.93 35.48 18.62
CA SER B 229 7.88 36.94 18.75
C SER B 229 9.28 37.56 18.75
N GLN C 1 -27.00 25.89 -23.90
CA GLN C 1 -26.40 25.53 -22.62
C GLN C 1 -24.88 25.73 -22.68
N PRO C 2 -24.26 26.06 -21.54
CA PRO C 2 -22.83 26.38 -21.55
C PRO C 2 -21.98 25.15 -21.88
N VAL C 3 -20.77 25.42 -22.37
CA VAL C 3 -19.83 24.37 -22.71
C VAL C 3 -18.47 24.69 -22.08
N LEU C 4 -17.85 23.65 -21.54
CA LEU C 4 -16.61 23.73 -20.80
C LEU C 4 -15.46 23.12 -21.62
N THR C 5 -14.36 23.85 -21.73
CA THR C 5 -13.24 23.42 -22.54
C THR C 5 -12.02 23.16 -21.64
N GLN C 6 -11.70 21.89 -21.45
CA GLN C 6 -10.49 21.48 -20.74
C GLN C 6 -9.46 20.96 -21.74
N SER C 7 -8.19 21.24 -21.47
CA SER C 7 -7.15 20.65 -22.30
C SER C 7 -7.13 19.13 -22.09
N PRO C 8 -6.98 18.35 -23.15
CA PRO C 8 -7.13 16.88 -23.01
C PRO C 8 -6.07 16.20 -22.13
N SER C 9 -4.86 16.73 -22.00
CA SER C 9 -3.88 16.09 -21.14
C SER C 9 -2.86 17.10 -20.62
N ALA C 10 -2.24 16.76 -19.50
CA ALA C 10 -1.17 17.57 -18.93
C ALA C 10 -0.32 16.68 -18.03
N SER C 11 0.91 17.12 -17.78
CA SER C 11 1.81 16.37 -16.93
C SER C 11 2.82 17.30 -16.26
N ALA C 12 3.32 16.86 -15.11
CA ALA C 12 4.47 17.48 -14.48
C ALA C 12 5.10 16.47 -13.55
N SER C 13 6.37 16.70 -13.22
CA SER C 13 7.12 15.74 -12.44
C SER C 13 6.61 15.72 -11.01
N LEU C 14 6.80 14.58 -10.34
CA LEU C 14 6.39 14.46 -8.95
C LEU C 14 7.14 15.49 -8.14
N GLY C 15 6.44 16.11 -7.20
CA GLY C 15 6.97 17.23 -6.45
C GLY C 15 6.79 18.59 -7.12
N ALA C 16 6.53 18.63 -8.43
CA ALA C 16 6.28 19.89 -9.12
C ALA C 16 4.84 20.36 -8.85
N SER C 17 4.37 21.33 -9.63
CA SER C 17 3.01 21.84 -9.52
C SER C 17 2.42 22.04 -10.91
N VAL C 18 1.08 21.98 -10.99
CA VAL C 18 0.35 22.21 -12.23
C VAL C 18 -0.82 23.15 -11.96
N LYS C 19 -1.36 23.70 -13.06
CA LYS C 19 -2.51 24.59 -13.05
C LYS C 19 -3.41 24.08 -14.17
N LEU C 20 -4.38 23.23 -13.81
CA LEU C 20 -5.36 22.76 -14.77
C LEU C 20 -6.33 23.87 -15.12
N THR C 21 -6.65 24.00 -16.40
CA THR C 21 -7.47 25.10 -16.90
C THR C 21 -8.75 24.61 -17.54
N CYS C 22 -9.85 25.30 -17.23
CA CYS C 22 -11.17 25.04 -17.75
C CYS C 22 -11.74 26.38 -18.20
N THR C 23 -12.18 26.47 -19.43
CA THR C 23 -12.68 27.72 -19.98
C THR C 23 -14.16 27.61 -20.30
N LEU C 24 -14.92 28.59 -19.84
CA LEU C 24 -16.35 28.61 -20.10
C LEU C 24 -16.58 29.21 -21.46
N SER C 25 -17.59 28.71 -22.16
CA SER C 25 -17.98 29.35 -23.40
C SER C 25 -18.33 30.79 -23.13
N SER C 26 -18.04 31.65 -24.11
CA SER C 26 -18.12 33.10 -23.94
C SER C 26 -19.46 33.58 -23.39
N GLY C 27 -20.57 32.99 -23.86
CA GLY C 27 -21.88 33.46 -23.45
C GLY C 27 -22.19 33.30 -21.97
N HIS C 28 -21.42 32.50 -21.26
CA HIS C 28 -21.62 32.23 -19.84
C HIS C 28 -20.35 32.56 -19.09
N SER C 29 -19.76 33.68 -19.49
CA SER C 29 -18.43 34.09 -19.03
C SER C 29 -18.27 34.04 -17.52
N SER C 30 -19.33 34.28 -16.76
CA SER C 30 -19.20 34.47 -15.33
C SER C 30 -19.76 33.32 -14.51
N TYR C 31 -20.00 32.17 -15.13
CA TYR C 31 -20.65 31.05 -14.44
C TYR C 31 -19.72 30.41 -13.42
N ALA C 32 -20.28 29.97 -12.30
CA ALA C 32 -19.48 29.22 -11.33
C ALA C 32 -19.30 27.78 -11.80
N ILE C 33 -18.26 27.12 -11.30
CA ILE C 33 -17.97 25.73 -11.65
C ILE C 33 -17.60 24.94 -10.40
N ALA C 34 -17.42 23.64 -10.61
CA ALA C 34 -16.95 22.72 -9.59
C ALA C 34 -15.85 21.86 -10.20
N TRP C 35 -14.94 21.38 -9.36
CA TRP C 35 -13.87 20.49 -9.79
C TRP C 35 -14.05 19.11 -9.18
N HIS C 36 -13.86 18.09 -10.02
CA HIS C 36 -14.00 16.70 -9.62
C HIS C 36 -12.74 15.97 -10.03
N GLN C 37 -12.35 15.01 -9.21
CA GLN C 37 -11.15 14.21 -9.43
C GLN C 37 -11.57 12.76 -9.64
N GLN C 38 -11.00 12.11 -10.67
CA GLN C 38 -11.19 10.67 -10.87
C GLN C 38 -9.83 9.97 -10.96
N GLN C 39 -9.42 9.32 -9.87
CA GLN C 39 -8.20 8.52 -9.89
C GLN C 39 -8.43 7.21 -10.61
N PRO C 40 -7.35 6.57 -11.10
CA PRO C 40 -7.52 5.33 -11.86
C PRO C 40 -8.25 4.25 -11.08
N GLU C 41 -9.19 3.60 -11.76
CA GLU C 41 -10.00 2.48 -11.28
C GLU C 41 -11.02 2.93 -10.23
N LYS C 42 -11.18 4.23 -10.01
CA LYS C 42 -12.02 4.71 -8.93
C LYS C 42 -13.19 5.52 -9.46
N GLY C 43 -14.14 5.78 -8.56
CA GLY C 43 -15.20 6.72 -8.81
C GLY C 43 -14.72 8.13 -8.61
N PRO C 44 -15.59 9.08 -8.96
CA PRO C 44 -15.22 10.50 -8.86
C PRO C 44 -15.27 10.99 -7.43
N ARG C 45 -14.61 12.13 -7.21
CA ARG C 45 -14.59 12.78 -5.89
C ARG C 45 -14.72 14.28 -6.09
N TYR C 46 -15.60 14.90 -5.29
CA TYR C 46 -15.80 16.35 -5.37
C TYR C 46 -14.67 17.11 -4.67
N LEU C 47 -14.06 18.04 -5.40
CA LEU C 47 -12.97 18.86 -4.85
C LEU C 47 -13.49 20.16 -4.22
N MET C 48 -14.05 21.05 -5.04
CA MET C 48 -14.43 22.37 -4.58
C MET C 48 -15.38 22.99 -5.61
N LYS C 49 -16.19 23.95 -5.16
CA LYS C 49 -16.90 24.85 -6.04
C LYS C 49 -16.12 26.16 -6.18
N LEU C 50 -16.10 26.73 -7.38
CA LEU C 50 -15.25 27.87 -7.66
C LEU C 50 -16.08 28.99 -8.28
N ASN C 51 -16.15 30.13 -7.61
CA ASN C 51 -16.99 31.26 -8.03
C ASN C 51 -16.23 32.23 -8.93
N THR C 52 -16.97 33.21 -9.47
CA THR C 52 -16.38 34.16 -10.41
C THR C 52 -15.45 35.15 -9.73
N ASP C 53 -15.58 35.32 -8.41
CA ASP C 53 -14.79 36.26 -7.64
C ASP C 53 -13.52 35.64 -7.07
N GLY C 54 -13.21 34.40 -7.42
CA GLY C 54 -12.02 33.71 -6.93
C GLY C 54 -12.26 32.87 -5.69
N SER C 55 -13.45 32.97 -5.08
CA SER C 55 -13.74 32.29 -3.83
C SER C 55 -14.18 30.85 -4.07
N HIS C 56 -13.73 29.97 -3.18
CA HIS C 56 -13.95 28.54 -3.32
C HIS C 56 -14.62 28.02 -2.06
N SER C 57 -15.26 26.87 -2.19
CA SER C 57 -15.80 26.15 -1.05
C SER C 57 -15.33 24.71 -1.16
N LYS C 58 -14.40 24.29 -0.32
CA LYS C 58 -13.93 22.94 -0.50
C LYS C 58 -14.90 21.94 0.11
N GLY C 59 -14.81 20.70 -0.38
CA GLY C 59 -15.43 19.61 0.33
C GLY C 59 -14.59 19.31 1.52
N ASP C 60 -15.06 18.40 2.35
CA ASP C 60 -14.26 18.01 3.50
C ASP C 60 -13.29 16.90 3.09
N GLY C 61 -12.06 16.98 3.62
CA GLY C 61 -11.01 16.03 3.33
C GLY C 61 -10.14 16.35 2.13
N ILE C 62 -10.17 17.57 1.64
CA ILE C 62 -9.44 17.94 0.43
C ILE C 62 -8.13 18.61 0.86
N PRO C 63 -6.98 18.12 0.43
CA PRO C 63 -5.71 18.69 0.90
C PRO C 63 -5.52 20.12 0.43
N ASP C 64 -4.69 20.85 1.17
CA ASP C 64 -4.39 22.25 0.88
C ASP C 64 -3.53 22.44 -0.37
N ARG C 65 -2.93 21.38 -0.92
CA ARG C 65 -2.18 21.52 -2.16
C ARG C 65 -3.07 21.86 -3.35
N PHE C 66 -4.39 21.74 -3.19
CA PHE C 66 -5.39 22.07 -4.22
C PHE C 66 -6.01 23.42 -3.92
N SER C 67 -5.82 24.40 -4.80
CA SER C 67 -6.49 25.68 -4.63
C SER C 67 -7.15 26.11 -5.94
N GLY C 68 -8.19 26.91 -5.80
CA GLY C 68 -8.95 27.40 -6.94
C GLY C 68 -8.78 28.90 -7.10
N SER C 69 -8.66 29.32 -8.36
CA SER C 69 -8.55 30.72 -8.74
C SER C 69 -9.31 30.90 -10.04
N SER C 70 -9.47 32.15 -10.44
CA SER C 70 -10.48 32.52 -11.41
C SER C 70 -10.04 33.77 -12.16
N SER C 71 -10.35 33.83 -13.46
CA SER C 71 -9.94 34.93 -14.32
C SER C 71 -10.66 35.00 -15.66
N GLY C 72 -11.39 36.10 -15.90
CA GLY C 72 -12.09 36.22 -17.17
C GLY C 72 -13.08 35.10 -17.31
N ALA C 73 -13.05 34.44 -18.45
CA ALA C 73 -13.87 33.26 -18.69
C ALA C 73 -13.18 31.95 -18.28
N GLU C 74 -12.03 32.03 -17.62
CA GLU C 74 -11.23 30.86 -17.29
C GLU C 74 -11.33 30.50 -15.81
N ARG C 75 -11.18 29.19 -15.54
CA ARG C 75 -11.12 28.64 -14.18
C ARG C 75 -9.92 27.72 -14.06
N TYR C 76 -9.25 27.76 -12.91
CA TYR C 76 -7.99 27.09 -12.71
C TYR C 76 -8.07 26.19 -11.49
N LEU C 77 -7.60 24.95 -11.64
CA LEU C 77 -7.28 24.09 -10.52
C LEU C 77 -5.76 24.04 -10.40
N THR C 78 -5.26 24.34 -9.21
CA THR C 78 -3.83 24.37 -8.94
C THR C 78 -3.50 23.33 -7.89
N ILE C 79 -2.49 22.50 -8.17
CA ILE C 79 -2.04 21.43 -7.27
C ILE C 79 -0.55 21.63 -7.05
N SER C 80 -0.16 21.89 -5.80
CA SER C 80 1.24 22.05 -5.43
C SER C 80 1.81 20.75 -4.87
N SER C 81 3.15 20.67 -4.90
CA SER C 81 3.92 19.53 -4.38
C SER C 81 3.26 18.21 -4.77
N LEU C 82 3.17 18.02 -6.08
CA LEU C 82 2.47 16.87 -6.67
C LEU C 82 2.96 15.54 -6.11
N GLN C 83 2.00 14.67 -5.83
CA GLN C 83 2.26 13.36 -5.26
C GLN C 83 1.86 12.26 -6.25
N SER C 84 2.18 11.02 -5.91
CA SER C 84 1.85 9.93 -6.81
C SER C 84 0.33 9.78 -6.98
N GLU C 85 -0.42 9.98 -5.89
CA GLU C 85 -1.88 9.81 -5.88
C GLU C 85 -2.63 10.85 -6.69
N ASP C 86 -2.00 11.98 -6.99
CA ASP C 86 -2.67 13.05 -7.75
C ASP C 86 -2.79 12.74 -9.24
N GLU C 87 -2.23 11.63 -9.70
CA GLU C 87 -2.44 11.23 -11.08
C GLU C 87 -3.87 10.76 -11.23
N ALA C 88 -4.64 11.46 -12.08
CA ALA C 88 -6.08 11.28 -12.11
C ALA C 88 -6.66 12.11 -13.25
N ASP C 89 -7.94 11.87 -13.51
CA ASP C 89 -8.72 12.68 -14.44
C ASP C 89 -9.40 13.77 -13.63
N TYR C 90 -9.27 15.03 -14.08
CA TYR C 90 -9.91 16.16 -13.41
C TYR C 90 -10.98 16.76 -14.31
N TYR C 91 -12.23 16.69 -13.85
CA TYR C 91 -13.38 17.19 -14.60
C TYR C 91 -13.89 18.45 -13.92
N CYS C 92 -13.95 19.54 -14.70
CA CYS C 92 -14.71 20.70 -14.28
C CYS C 92 -16.14 20.53 -14.74
N GLN C 93 -17.05 21.09 -13.97
CA GLN C 93 -18.47 20.88 -14.17
C GLN C 93 -19.18 22.19 -13.87
N THR C 94 -20.24 22.50 -14.60
CA THR C 94 -20.94 23.75 -14.38
C THR C 94 -22.44 23.48 -14.43
N TRP C 95 -23.24 24.53 -14.25
CA TRP C 95 -24.70 24.42 -14.28
C TRP C 95 -25.27 25.24 -15.42
N GLY C 96 -26.35 24.73 -16.00
CA GLY C 96 -27.16 25.54 -16.89
C GLY C 96 -28.50 25.80 -16.23
N THR C 97 -29.58 25.64 -16.98
CA THR C 97 -30.92 25.72 -16.42
C THR C 97 -31.37 24.32 -16.04
N GLY C 98 -31.27 24.00 -14.75
CA GLY C 98 -31.65 22.68 -14.29
C GLY C 98 -30.55 21.70 -14.62
N ILE C 99 -29.99 21.81 -15.78
CA ILE C 99 -29.07 20.77 -16.23
C ILE C 99 -27.66 21.15 -15.79
N LEU C 100 -26.81 20.13 -15.75
CA LEU C 100 -25.41 20.27 -15.41
C LEU C 100 -24.58 19.84 -16.61
N VAL C 101 -23.38 20.39 -16.71
CA VAL C 101 -22.48 20.22 -17.86
C VAL C 101 -21.11 19.83 -17.35
N PHE C 102 -20.57 18.77 -17.90
CA PHE C 102 -19.18 18.42 -17.69
C PHE C 102 -18.32 18.87 -18.87
N GLY C 103 -17.01 18.92 -18.63
CA GLY C 103 -16.03 19.05 -19.68
C GLY C 103 -15.48 17.68 -20.07
N GLY C 104 -14.60 17.70 -21.07
CA GLY C 104 -14.02 16.46 -21.52
C GLY C 104 -13.16 15.77 -20.47
N GLY C 105 -12.60 16.55 -19.55
CA GLY C 105 -11.68 15.99 -18.58
C GLY C 105 -10.23 16.25 -18.96
N THR C 106 -9.37 16.18 -17.95
CA THR C 106 -7.93 16.32 -18.14
C THR C 106 -7.25 15.15 -17.43
N LYS C 107 -6.54 14.31 -18.19
CA LYS C 107 -5.69 13.29 -17.59
C LYS C 107 -4.39 13.95 -17.17
N LEU C 108 -4.13 14.00 -15.87
CA LEU C 108 -2.89 14.54 -15.33
C LEU C 108 -1.97 13.38 -14.96
N THR C 109 -0.86 13.26 -15.68
CA THR C 109 0.14 12.24 -15.39
C THR C 109 1.29 12.88 -14.62
N VAL C 110 1.58 12.33 -13.44
CA VAL C 110 2.66 12.83 -12.60
C VAL C 110 3.85 11.89 -12.75
N LEU C 111 4.81 12.31 -13.57
CA LEU C 111 6.02 11.55 -13.83
C LEU C 111 6.74 11.31 -12.50
N GLY C 112 6.54 10.13 -11.90
CA GLY C 112 7.12 9.83 -10.61
C GLY C 112 7.94 8.54 -10.52
N GLN C 113 8.74 8.27 -11.57
CA GLN C 113 9.50 7.03 -11.70
C GLN C 113 10.27 7.17 -13.00
N PRO C 114 11.45 6.55 -13.15
CA PRO C 114 12.23 6.77 -14.37
C PRO C 114 11.49 6.30 -15.60
N LYS C 115 11.78 6.95 -16.74
CA LYS C 115 11.20 6.56 -18.03
C LYS C 115 11.46 5.07 -18.29
N ALA C 116 10.66 4.44 -19.15
CA ALA C 116 10.82 3.01 -19.42
C ALA C 116 10.31 2.70 -20.83
N ALA C 117 11.19 2.15 -21.68
CA ALA C 117 10.83 1.68 -23.01
C ALA C 117 10.17 0.29 -22.92
N PRO C 118 9.30 -0.05 -23.88
CA PRO C 118 8.44 -1.24 -23.73
C PRO C 118 9.02 -2.58 -24.18
N SER C 119 8.60 -3.65 -23.49
CA SER C 119 8.88 -5.03 -23.91
C SER C 119 7.78 -5.51 -24.85
N VAL C 120 8.17 -6.08 -25.99
CA VAL C 120 7.23 -6.38 -27.08
C VAL C 120 7.40 -7.84 -27.48
N THR C 121 6.43 -8.67 -27.10
CA THR C 121 6.40 -10.08 -27.48
C THR C 121 5.18 -10.33 -28.35
N LEU C 122 5.40 -10.93 -29.51
CA LEU C 122 4.37 -11.14 -30.53
C LEU C 122 4.16 -12.64 -30.73
N PHE C 123 2.92 -13.10 -30.55
CA PHE C 123 2.59 -14.53 -30.63
C PHE C 123 1.87 -14.84 -31.93
N PRO C 124 2.38 -15.73 -32.76
CA PRO C 124 1.61 -16.21 -33.92
C PRO C 124 0.38 -16.96 -33.46
N PRO C 125 -0.53 -17.34 -34.36
CA PRO C 125 -1.73 -18.05 -33.90
C PRO C 125 -1.38 -19.46 -33.50
N SER C 126 -1.91 -19.88 -32.35
CA SER C 126 -1.71 -21.25 -31.91
C SER C 126 -2.17 -22.23 -32.98
N SER C 127 -1.53 -23.39 -33.02
CA SER C 127 -1.99 -24.44 -33.90
C SER C 127 -3.40 -24.90 -33.50
N GLU C 128 -3.67 -24.93 -32.20
CA GLU C 128 -5.02 -25.28 -31.76
C GLU C 128 -6.07 -24.32 -32.29
N GLU C 129 -5.69 -23.05 -32.48
CA GLU C 129 -6.65 -22.09 -33.01
C GLU C 129 -6.87 -22.28 -34.52
N LEU C 130 -5.81 -22.64 -35.25
CA LEU C 130 -5.93 -22.86 -36.69
C LEU C 130 -6.87 -24.03 -36.99
N GLN C 131 -6.82 -25.06 -36.16
CA GLN C 131 -7.75 -26.17 -36.33
C GLN C 131 -9.18 -25.74 -36.07
N ALA C 132 -9.38 -24.62 -35.37
CA ALA C 132 -10.71 -24.11 -35.14
C ALA C 132 -11.12 -23.09 -36.19
N ASN C 133 -10.36 -22.99 -37.27
CA ASN C 133 -10.63 -22.12 -38.40
C ASN C 133 -10.45 -20.65 -38.05
N LYS C 134 -9.84 -20.35 -36.92
CA LYS C 134 -9.55 -18.97 -36.59
C LYS C 134 -8.04 -18.75 -36.58
N ALA C 135 -7.66 -17.48 -36.60
CA ALA C 135 -6.25 -17.09 -36.50
C ALA C 135 -6.23 -15.71 -35.88
N THR C 136 -5.55 -15.60 -34.74
CA THR C 136 -5.38 -14.34 -34.04
C THR C 136 -3.90 -14.16 -33.78
N LEU C 137 -3.43 -12.92 -33.91
CA LEU C 137 -2.08 -12.55 -33.52
C LEU C 137 -2.16 -11.76 -32.23
N VAL C 138 -1.38 -12.15 -31.23
CA VAL C 138 -1.42 -11.51 -29.92
C VAL C 138 -0.09 -10.81 -29.69
N CYS C 139 -0.13 -9.50 -29.70
CA CYS C 139 1.06 -8.66 -29.47
C CYS C 139 0.92 -8.05 -28.09
N LEU C 140 1.82 -8.43 -27.18
CA LEU C 140 1.80 -7.94 -25.81
C LEU C 140 2.91 -6.93 -25.60
N ILE C 141 2.58 -5.83 -24.94
CA ILE C 141 3.52 -4.76 -24.60
C ILE C 141 3.54 -4.62 -23.08
N SER C 142 4.73 -4.61 -22.49
CA SER C 142 4.85 -4.58 -21.04
C SER C 142 6.06 -3.75 -20.63
N ASP C 143 6.10 -3.44 -19.32
CA ASP C 143 7.24 -2.81 -18.65
C ASP C 143 7.65 -1.50 -19.31
N PHE C 144 6.69 -0.59 -19.50
CA PHE C 144 6.99 0.77 -19.95
C PHE C 144 6.37 1.77 -18.98
N TYR C 145 6.92 3.00 -19.04
CA TYR C 145 6.58 4.18 -18.26
C TYR C 145 7.06 5.41 -19.02
N PRO C 146 6.18 6.39 -19.30
CA PRO C 146 4.74 6.37 -18.99
C PRO C 146 3.90 5.59 -20.02
N GLY C 147 2.72 5.14 -19.60
CA GLY C 147 1.86 4.32 -20.45
C GLY C 147 1.13 5.07 -21.55
N ALA C 148 1.86 5.39 -22.62
CA ALA C 148 1.28 5.96 -23.84
C ALA C 148 2.00 5.36 -25.03
N VAL C 149 1.29 4.60 -25.86
CA VAL C 149 1.87 3.85 -26.96
C VAL C 149 0.94 3.89 -28.17
N THR C 150 1.51 3.85 -29.37
CA THR C 150 0.75 3.70 -30.62
C THR C 150 1.19 2.44 -31.34
N VAL C 151 0.22 1.64 -31.78
CA VAL C 151 0.47 0.32 -32.36
C VAL C 151 0.05 0.33 -33.81
N ALA C 152 0.90 -0.20 -34.68
CA ALA C 152 0.56 -0.31 -36.09
C ALA C 152 0.97 -1.68 -36.60
N TRP C 153 0.05 -2.36 -37.28
CA TRP C 153 0.32 -3.67 -37.85
C TRP C 153 0.63 -3.56 -39.33
N LYS C 154 1.23 -4.63 -39.87
CA LYS C 154 1.59 -4.66 -41.28
C LYS C 154 1.47 -6.09 -41.81
N ALA C 155 0.82 -6.24 -42.96
CA ALA C 155 0.78 -7.51 -43.69
C ALA C 155 1.85 -7.48 -44.78
N ASP C 156 2.90 -8.30 -44.57
CA ASP C 156 4.15 -8.23 -45.30
C ASP C 156 4.84 -6.92 -44.93
N SER C 157 4.58 -5.86 -45.71
CA SER C 157 4.99 -4.52 -45.37
C SER C 157 3.85 -3.51 -45.47
N SER C 158 2.70 -3.91 -46.07
CA SER C 158 1.53 -3.04 -46.18
C SER C 158 0.81 -2.96 -44.84
N PRO C 159 0.55 -1.75 -44.32
CA PRO C 159 -0.19 -1.63 -43.07
C PRO C 159 -1.58 -2.24 -43.17
N VAL C 160 -2.06 -2.77 -42.04
CA VAL C 160 -3.37 -3.39 -41.92
C VAL C 160 -4.20 -2.53 -40.96
N LYS C 161 -5.43 -2.24 -41.36
CA LYS C 161 -6.33 -1.50 -40.47
C LYS C 161 -7.50 -2.34 -39.98
N ALA C 162 -7.92 -3.32 -40.78
CA ALA C 162 -9.05 -4.15 -40.43
C ALA C 162 -8.64 -5.27 -39.49
N GLY C 163 -9.50 -5.57 -38.52
CA GLY C 163 -9.28 -6.71 -37.65
C GLY C 163 -8.29 -6.46 -36.53
N VAL C 164 -8.17 -5.21 -36.08
CA VAL C 164 -7.21 -4.81 -35.07
C VAL C 164 -7.97 -4.32 -33.85
N GLU C 165 -7.57 -4.78 -32.69
CA GLU C 165 -8.07 -4.29 -31.42
C GLU C 165 -6.87 -4.07 -30.51
N THR C 166 -7.04 -3.21 -29.51
CA THR C 166 -5.92 -2.82 -28.66
C THR C 166 -6.45 -2.34 -27.33
N THR C 167 -5.78 -2.70 -26.22
CA THR C 167 -6.23 -2.28 -24.89
C THR C 167 -5.63 -0.94 -24.52
N THR C 168 -6.23 -0.30 -23.62
CA THR C 168 -5.54 0.90 -23.17
C THR C 168 -4.64 0.52 -22.00
N PRO C 169 -3.43 1.13 -21.92
CA PRO C 169 -2.45 0.74 -20.90
C PRO C 169 -2.96 0.65 -19.47
N SER C 170 -2.24 -0.12 -18.65
CA SER C 170 -2.63 -0.33 -17.27
C SER C 170 -1.40 -0.77 -16.48
N LYS C 171 -1.29 -0.32 -15.24
CA LYS C 171 -0.06 -0.55 -14.50
C LYS C 171 0.02 -1.98 -13.95
N GLN C 172 1.24 -2.50 -13.94
CA GLN C 172 1.53 -3.85 -13.47
C GLN C 172 1.75 -3.84 -11.96
N SER C 173 1.89 -5.06 -11.40
CA SER C 173 2.16 -5.16 -9.97
C SER C 173 3.55 -4.66 -9.57
N ASN C 174 4.37 -4.19 -10.52
CA ASN C 174 5.62 -3.50 -10.21
C ASN C 174 5.61 -2.05 -10.71
N ASN C 175 4.43 -1.42 -10.68
CA ASN C 175 4.25 0.03 -10.92
C ASN C 175 4.75 0.46 -12.30
N LYS C 176 4.72 -0.45 -13.27
CA LYS C 176 5.00 -0.15 -14.67
C LYS C 176 3.77 -0.49 -15.51
N TYR C 177 3.74 -0.03 -16.76
CA TYR C 177 2.56 -0.20 -17.61
C TYR C 177 2.67 -1.38 -18.58
N ALA C 178 1.53 -1.71 -19.18
CA ALA C 178 1.39 -2.84 -20.10
C ALA C 178 0.12 -2.67 -20.92
N ALA C 179 0.14 -3.18 -22.15
CA ALA C 179 -1.01 -3.16 -23.05
C ALA C 179 -0.88 -4.25 -24.11
N SER C 180 -2.02 -4.78 -24.56
CA SER C 180 -2.04 -5.85 -25.55
C SER C 180 -2.77 -5.37 -26.77
N SER C 181 -2.39 -5.93 -27.92
CA SER C 181 -3.02 -5.65 -29.19
C SER C 181 -3.31 -6.96 -29.92
N TYR C 182 -4.42 -6.97 -30.65
CA TYR C 182 -4.81 -8.18 -31.34
C TYR C 182 -5.10 -7.87 -32.81
N LEU C 183 -4.77 -8.85 -33.66
CA LEU C 183 -5.04 -8.77 -35.09
C LEU C 183 -5.71 -10.07 -35.52
N SER C 184 -6.98 -9.99 -35.93
CA SER C 184 -7.72 -11.14 -36.38
C SER C 184 -7.56 -11.34 -37.87
N LEU C 185 -7.37 -12.59 -38.28
CA LEU C 185 -7.21 -12.97 -39.67
C LEU C 185 -7.99 -14.25 -39.92
N THR C 186 -8.21 -14.53 -41.20
CA THR C 186 -8.66 -15.87 -41.55
C THR C 186 -7.44 -16.76 -41.75
N PRO C 187 -7.61 -18.07 -41.58
CA PRO C 187 -6.47 -18.98 -41.80
C PRO C 187 -5.79 -18.79 -43.15
N GLU C 188 -6.56 -18.55 -44.22
CA GLU C 188 -5.95 -18.28 -45.52
C GLU C 188 -5.03 -17.07 -45.45
N GLN C 189 -5.57 -15.96 -44.94
CA GLN C 189 -4.80 -14.72 -44.81
C GLN C 189 -3.52 -14.96 -44.02
N TRP C 190 -3.56 -15.82 -43.01
CA TRP C 190 -2.35 -16.10 -42.25
C TRP C 190 -1.32 -16.79 -43.13
N LYS C 191 -1.75 -17.83 -43.86
CA LYS C 191 -0.83 -18.65 -44.65
C LYS C 191 -0.27 -17.89 -45.85
N SER C 192 -1.06 -16.99 -46.43
CA SER C 192 -0.77 -16.35 -47.72
C SER C 192 -0.02 -15.03 -47.58
N HIS C 193 1.02 -15.01 -46.76
CA HIS C 193 1.85 -13.85 -46.54
C HIS C 193 3.17 -14.31 -45.95
N ARG C 194 4.23 -13.54 -46.19
CA ARG C 194 5.55 -13.98 -45.77
C ARG C 194 5.81 -13.60 -44.32
N SER C 195 5.51 -12.36 -43.95
CA SER C 195 5.66 -11.91 -42.57
C SER C 195 4.53 -10.97 -42.17
N TYR C 196 4.43 -10.76 -40.86
CA TYR C 196 3.53 -9.79 -40.23
C TYR C 196 4.31 -9.03 -39.17
N SER C 197 4.04 -7.73 -39.07
CA SER C 197 4.75 -6.87 -38.15
C SER C 197 3.82 -6.32 -37.08
N CYS C 198 4.32 -6.29 -35.84
CA CYS C 198 3.74 -5.50 -34.76
C CYS C 198 4.74 -4.37 -34.50
N GLN C 199 4.29 -3.14 -34.70
CA GLN C 199 5.14 -1.94 -34.61
C GLN C 199 4.60 -1.02 -33.50
N VAL C 200 5.40 -0.86 -32.45
CA VAL C 200 5.01 -0.16 -31.24
C VAL C 200 5.83 1.10 -31.11
N THR C 201 5.16 2.24 -31.11
CA THR C 201 5.83 3.53 -31.07
C THR C 201 5.64 4.09 -29.67
N HIS C 202 6.74 4.31 -28.95
CA HIS C 202 6.70 4.78 -27.57
C HIS C 202 7.64 5.97 -27.41
N GLU C 203 7.05 7.17 -27.40
CA GLU C 203 7.79 8.42 -27.30
C GLU C 203 8.82 8.53 -28.42
N GLY C 204 8.31 8.63 -29.64
CA GLY C 204 9.18 8.76 -30.79
C GLY C 204 9.90 7.47 -31.15
N SER C 205 10.52 6.84 -30.16
CA SER C 205 11.24 5.59 -30.39
C SER C 205 10.26 4.44 -30.69
N THR C 206 10.76 3.43 -31.39
CA THR C 206 9.92 2.37 -31.93
C THR C 206 10.54 0.98 -31.78
N VAL C 207 9.70 0.04 -31.33
CA VAL C 207 10.04 -1.38 -31.27
C VAL C 207 9.26 -2.08 -32.39
N GLU C 208 9.89 -3.09 -32.99
CA GLU C 208 9.31 -3.84 -34.09
C GLU C 208 9.48 -5.32 -33.81
N LYS C 209 8.38 -6.08 -33.89
CA LYS C 209 8.44 -7.53 -33.84
C LYS C 209 7.72 -8.13 -35.05
N THR C 210 8.32 -9.19 -35.59
CA THR C 210 7.82 -9.82 -36.81
C THR C 210 7.83 -11.33 -36.63
N VAL C 211 6.77 -11.98 -37.13
CA VAL C 211 6.61 -13.44 -37.12
C VAL C 211 6.22 -13.88 -38.53
N ALA C 212 6.39 -15.18 -38.80
CA ALA C 212 6.08 -15.73 -40.11
C ALA C 212 5.51 -17.13 -39.98
N PRO C 213 4.62 -17.52 -40.91
CA PRO C 213 4.10 -18.89 -40.91
C PRO C 213 5.15 -19.90 -41.37
N THR C 214 5.24 -21.01 -40.64
CA THR C 214 6.20 -22.09 -40.89
C THR C 214 5.71 -23.39 -40.25
N GLN D 1 36.77 -18.19 15.42
CA GLN D 1 35.40 -18.32 14.92
C GLN D 1 35.24 -17.59 13.60
N PRO D 2 34.35 -18.08 12.74
CA PRO D 2 34.24 -17.50 11.39
C PRO D 2 33.71 -16.08 11.42
N VAL D 3 34.08 -15.28 10.42
CA VAL D 3 33.61 -13.90 10.38
C VAL D 3 33.13 -13.51 9.01
N LEU D 4 31.96 -12.86 8.96
CA LEU D 4 31.30 -12.48 7.72
C LEU D 4 31.38 -10.99 7.48
N THR D 5 31.77 -10.59 6.27
CA THR D 5 31.93 -9.20 5.88
C THR D 5 30.99 -8.84 4.73
N GLN D 6 29.96 -8.08 5.03
CA GLN D 6 29.07 -7.49 4.05
C GLN D 6 29.40 -6.01 3.98
N SER D 7 29.37 -5.43 2.78
CA SER D 7 29.48 -3.98 2.68
C SER D 7 28.19 -3.33 3.21
N PRO D 8 28.30 -2.17 3.87
CA PRO D 8 27.13 -1.60 4.55
C PRO D 8 25.99 -1.17 3.65
N SER D 9 26.19 -0.86 2.38
CA SER D 9 25.04 -0.46 1.56
C SER D 9 25.24 -0.75 0.08
N ALA D 10 24.12 -0.86 -0.64
CA ALA D 10 24.12 -1.05 -2.09
C ALA D 10 22.78 -0.56 -2.61
N SER D 11 22.75 -0.22 -3.90
CA SER D 11 21.50 0.23 -4.51
C SER D 11 21.47 -0.07 -6.00
N ALA D 12 20.27 -0.16 -6.54
CA ALA D 12 20.06 -0.22 -7.98
C ALA D 12 18.65 0.23 -8.31
N SER D 13 18.45 0.53 -9.60
CA SER D 13 17.23 1.15 -10.06
C SER D 13 16.07 0.17 -9.98
N LEU D 14 14.88 0.71 -9.87
CA LEU D 14 13.70 -0.14 -9.81
C LEU D 14 13.60 -0.98 -11.08
N GLY D 15 13.28 -2.26 -10.92
CA GLY D 15 13.24 -3.18 -12.05
C GLY D 15 14.58 -3.78 -12.45
N ALA D 16 15.70 -3.18 -12.04
CA ALA D 16 17.02 -3.71 -12.36
C ALA D 16 17.37 -4.90 -11.48
N SER D 17 18.66 -5.23 -11.39
CA SER D 17 19.12 -6.32 -10.55
C SER D 17 20.32 -5.88 -9.73
N VAL D 18 20.52 -6.55 -8.59
CA VAL D 18 21.66 -6.32 -7.72
C VAL D 18 22.26 -7.66 -7.37
N LYS D 19 23.50 -7.60 -6.89
CA LYS D 19 24.27 -8.73 -6.41
C LYS D 19 24.85 -8.31 -5.06
N LEU D 20 24.18 -8.71 -3.99
CA LEU D 20 24.71 -8.55 -2.65
C LEU D 20 25.81 -9.58 -2.42
N THR D 21 26.90 -9.15 -1.77
CA THR D 21 28.08 -9.98 -1.52
C THR D 21 28.36 -10.12 -0.04
N CYS D 22 28.69 -11.34 0.36
CA CYS D 22 29.04 -11.69 1.73
C CYS D 22 30.34 -12.48 1.67
N THR D 23 31.36 -12.06 2.41
CA THR D 23 32.66 -12.72 2.34
C THR D 23 32.99 -13.43 3.64
N LEU D 24 33.37 -14.70 3.53
CA LEU D 24 33.80 -15.50 4.67
C LEU D 24 35.28 -15.30 4.91
N SER D 25 35.65 -15.27 6.18
CA SER D 25 37.05 -15.24 6.55
C SER D 25 37.80 -16.46 5.99
N SER D 26 39.07 -16.24 5.65
CA SER D 26 39.88 -17.20 4.89
C SER D 26 39.89 -18.60 5.51
N GLY D 27 39.94 -18.67 6.84
CA GLY D 27 39.94 -19.96 7.47
C GLY D 27 38.66 -20.74 7.28
N HIS D 28 37.62 -20.09 6.79
CA HIS D 28 36.33 -20.74 6.62
C HIS D 28 35.84 -20.59 5.19
N SER D 29 36.77 -20.67 4.24
CA SER D 29 36.51 -20.37 2.83
C SER D 29 35.28 -21.10 2.27
N SER D 30 35.01 -22.30 2.74
CA SER D 30 34.06 -23.19 2.09
C SER D 30 32.75 -23.34 2.86
N TYR D 31 32.49 -22.45 3.81
CA TYR D 31 31.33 -22.54 4.68
C TYR D 31 30.04 -22.17 3.96
N ALA D 32 28.96 -22.82 4.35
CA ALA D 32 27.65 -22.44 3.87
C ALA D 32 27.15 -21.25 4.65
N ILE D 33 26.22 -20.51 4.06
CA ILE D 33 25.66 -19.36 4.73
C ILE D 33 24.14 -19.41 4.53
N ALA D 34 23.47 -18.47 5.15
CA ALA D 34 22.05 -18.28 5.00
C ALA D 34 21.84 -16.81 4.73
N TRP D 35 20.75 -16.48 4.04
CA TRP D 35 20.39 -15.09 3.79
C TRP D 35 19.07 -14.81 4.48
N HIS D 36 19.01 -13.66 5.16
CA HIS D 36 17.80 -13.21 5.85
C HIS D 36 17.51 -11.80 5.39
N GLN D 37 16.22 -11.48 5.27
CA GLN D 37 15.74 -10.18 4.79
C GLN D 37 14.98 -9.49 5.92
N GLN D 38 15.28 -8.22 6.15
CA GLN D 38 14.55 -7.42 7.13
C GLN D 38 14.04 -6.16 6.44
N GLN D 39 12.74 -6.15 6.13
CA GLN D 39 12.12 -4.95 5.58
C GLN D 39 11.96 -3.92 6.70
N PRO D 40 11.90 -2.62 6.37
CA PRO D 40 11.77 -1.61 7.42
C PRO D 40 10.48 -1.82 8.20
N GLU D 41 10.55 -1.61 9.52
CA GLU D 41 9.41 -1.75 10.42
C GLU D 41 9.04 -3.20 10.70
N LYS D 42 9.81 -4.18 10.23
CA LYS D 42 9.39 -5.57 10.32
C LYS D 42 10.45 -6.45 10.98
N GLY D 43 10.03 -7.67 11.33
CA GLY D 43 10.93 -8.68 11.79
C GLY D 43 11.67 -9.31 10.62
N PRO D 44 12.63 -10.15 10.94
CA PRO D 44 13.44 -10.79 9.89
C PRO D 44 12.70 -11.95 9.24
N ARG D 45 13.16 -12.30 8.04
CA ARG D 45 12.58 -13.39 7.27
C ARG D 45 13.70 -14.17 6.60
N TYR D 46 13.62 -15.50 6.66
CA TYR D 46 14.62 -16.37 6.05
C TYR D 46 14.39 -16.48 4.53
N LEU D 47 15.43 -16.17 3.75
CA LEU D 47 15.37 -16.29 2.29
C LEU D 47 15.85 -17.66 1.83
N MET D 48 17.13 -17.96 2.05
CA MET D 48 17.70 -19.22 1.57
C MET D 48 18.95 -19.58 2.35
N LYS D 49 19.24 -20.89 2.36
CA LYS D 49 20.55 -21.38 2.69
C LYS D 49 21.32 -21.60 1.40
N LEU D 50 22.58 -21.20 1.40
CA LEU D 50 23.42 -21.18 0.21
C LEU D 50 24.67 -22.01 0.48
N ASN D 51 24.87 -23.06 -0.29
CA ASN D 51 26.00 -23.93 -0.04
C ASN D 51 27.20 -23.45 -0.83
N THR D 52 28.35 -24.02 -0.50
CA THR D 52 29.59 -23.55 -1.09
C THR D 52 29.72 -23.96 -2.55
N ASP D 53 28.93 -24.94 -3.02
CA ASP D 53 28.97 -25.39 -4.41
C ASP D 53 27.94 -24.68 -5.33
N GLY D 54 27.24 -23.65 -4.83
CA GLY D 54 26.29 -22.90 -5.62
C GLY D 54 24.84 -23.32 -5.48
N SER D 55 24.57 -24.42 -4.79
CA SER D 55 23.19 -24.88 -4.65
C SER D 55 22.59 -24.20 -3.45
N HIS D 56 21.31 -23.87 -3.55
CA HIS D 56 20.61 -23.19 -2.47
C HIS D 56 19.29 -23.88 -2.19
N SER D 57 18.73 -23.63 -1.01
CA SER D 57 17.41 -24.13 -0.65
C SER D 57 16.53 -22.98 -0.16
N LYS D 58 15.52 -22.61 -0.94
CA LYS D 58 14.75 -21.45 -0.53
C LYS D 58 13.75 -21.81 0.56
N GLY D 59 13.33 -20.78 1.32
CA GLY D 59 12.16 -20.89 2.15
C GLY D 59 10.88 -20.81 1.32
N ASP D 60 9.74 -21.01 1.96
CA ASP D 60 8.51 -20.92 1.19
C ASP D 60 8.06 -19.48 1.04
N GLY D 61 7.54 -19.16 -0.14
CA GLY D 61 7.08 -17.84 -0.47
C GLY D 61 8.16 -16.93 -1.01
N ILE D 62 9.31 -17.48 -1.40
CA ILE D 62 10.44 -16.67 -1.83
C ILE D 62 10.39 -16.57 -3.35
N PRO D 63 10.31 -15.36 -3.92
CA PRO D 63 10.15 -15.20 -5.37
C PRO D 63 11.33 -15.75 -6.15
N ASP D 64 11.07 -16.02 -7.43
CA ASP D 64 12.12 -16.47 -8.30
C ASP D 64 13.14 -15.39 -8.62
N ARG D 65 12.82 -14.13 -8.31
CA ARG D 65 13.82 -13.11 -8.58
C ARG D 65 15.01 -13.21 -7.66
N PHE D 66 14.92 -14.00 -6.58
CA PHE D 66 16.00 -14.17 -5.60
C PHE D 66 16.74 -15.48 -5.89
N SER D 67 18.01 -15.38 -6.24
CA SER D 67 18.81 -16.57 -6.42
C SER D 67 20.13 -16.40 -5.69
N GLY D 68 20.72 -17.54 -5.33
CA GLY D 68 21.99 -17.57 -4.62
C GLY D 68 23.06 -18.18 -5.51
N SER D 69 24.28 -17.66 -5.39
CA SER D 69 25.43 -18.21 -6.09
C SER D 69 26.62 -18.02 -5.19
N SER D 70 27.75 -18.58 -5.60
CA SER D 70 28.85 -18.88 -4.70
C SER D 70 30.15 -18.94 -5.52
N SER D 71 31.25 -18.47 -4.94
CA SER D 71 32.54 -18.46 -5.63
C SER D 71 33.68 -18.12 -4.67
N GLY D 72 34.62 -19.04 -4.50
CA GLY D 72 35.71 -18.79 -3.57
C GLY D 72 35.12 -18.60 -2.19
N ALA D 73 35.56 -17.56 -1.49
CA ALA D 73 35.02 -17.29 -0.17
C ALA D 73 33.76 -16.42 -0.20
N GLU D 74 33.27 -16.06 -1.38
CA GLU D 74 32.16 -15.13 -1.47
C GLU D 74 30.86 -15.85 -1.71
N ARG D 75 29.80 -15.28 -1.16
CA ARG D 75 28.45 -15.78 -1.33
C ARG D 75 27.62 -14.63 -1.83
N TYR D 76 26.74 -14.93 -2.76
CA TYR D 76 26.03 -13.91 -3.50
C TYR D 76 24.54 -14.11 -3.35
N LEU D 77 23.83 -13.03 -3.01
CA LEU D 77 22.40 -12.95 -3.18
C LEU D 77 22.15 -12.07 -4.38
N THR D 78 21.36 -12.57 -5.32
CA THR D 78 21.02 -11.83 -6.53
C THR D 78 19.52 -11.66 -6.59
N ILE D 79 19.06 -10.42 -6.83
CA ILE D 79 17.66 -10.11 -7.00
C ILE D 79 17.48 -9.45 -8.37
N SER D 80 16.69 -10.08 -9.23
CA SER D 80 16.32 -9.57 -10.54
C SER D 80 14.98 -8.85 -10.45
N SER D 81 14.71 -8.04 -11.46
CA SER D 81 13.44 -7.31 -11.54
C SER D 81 13.09 -6.69 -10.18
N LEU D 82 14.05 -5.92 -9.65
CA LEU D 82 13.93 -5.37 -8.30
C LEU D 82 12.63 -4.60 -8.14
N GLN D 83 11.95 -4.82 -7.02
CA GLN D 83 10.69 -4.15 -6.73
C GLN D 83 10.83 -3.25 -5.50
N SER D 84 9.80 -2.44 -5.25
CA SER D 84 9.89 -1.53 -4.12
C SER D 84 9.98 -2.31 -2.81
N GLU D 85 9.21 -3.40 -2.70
CA GLU D 85 9.14 -4.14 -1.45
C GLU D 85 10.46 -4.79 -1.08
N ASP D 86 11.38 -4.91 -2.03
CA ASP D 86 12.69 -5.52 -1.81
C ASP D 86 13.65 -4.59 -1.07
N GLU D 87 13.25 -3.37 -0.77
CA GLU D 87 14.09 -2.46 0.00
C GLU D 87 14.12 -2.90 1.45
N ALA D 88 15.31 -3.25 1.94
CA ALA D 88 15.40 -3.93 3.22
C ALA D 88 16.86 -4.14 3.58
N ASP D 89 17.07 -4.58 4.81
CA ASP D 89 18.38 -5.01 5.24
C ASP D 89 18.53 -6.49 4.94
N TYR D 90 19.66 -6.85 4.35
CA TYR D 90 19.98 -8.23 4.05
C TYR D 90 21.19 -8.63 4.89
N TYR D 91 21.00 -9.62 5.74
CA TYR D 91 22.03 -10.20 6.62
C TYR D 91 22.40 -11.59 6.13
N CYS D 92 23.68 -11.82 5.90
CA CYS D 92 24.15 -13.19 5.76
C CYS D 92 24.50 -13.76 7.14
N GLN D 93 24.36 -15.08 7.26
CA GLN D 93 24.54 -15.72 8.55
C GLN D 93 25.23 -17.05 8.36
N THR D 94 26.15 -17.41 9.27
CA THR D 94 26.81 -18.68 9.09
C THR D 94 26.90 -19.42 10.42
N TRP D 95 27.53 -20.60 10.40
CA TRP D 95 27.69 -21.44 11.58
C TRP D 95 29.16 -21.65 11.90
N GLY D 96 29.47 -21.69 13.18
CA GLY D 96 30.77 -22.11 13.64
C GLY D 96 30.65 -23.44 14.34
N THR D 97 31.26 -23.53 15.50
CA THR D 97 31.09 -24.72 16.32
C THR D 97 29.91 -24.44 17.22
N GLY D 98 28.75 -24.96 16.86
CA GLY D 98 27.61 -24.72 17.72
C GLY D 98 27.04 -23.33 17.57
N ILE D 99 27.88 -22.33 17.45
CA ILE D 99 27.39 -20.97 17.47
C ILE D 99 27.10 -20.53 16.05
N LEU D 100 26.31 -19.48 15.92
CA LEU D 100 25.98 -18.86 14.65
C LEU D 100 26.47 -17.41 14.65
N VAL D 101 26.73 -16.87 13.47
CA VAL D 101 27.30 -15.55 13.29
C VAL D 101 26.53 -14.82 12.21
N PHE D 102 26.11 -13.61 12.49
CA PHE D 102 25.58 -12.73 11.47
C PHE D 102 26.63 -11.73 11.01
N GLY D 103 26.38 -11.17 9.83
CA GLY D 103 27.16 -10.06 9.33
C GLY D 103 26.50 -8.74 9.69
N GLY D 104 27.20 -7.66 9.33
CA GLY D 104 26.68 -6.34 9.67
C GLY D 104 25.39 -6.01 8.98
N GLY D 105 25.12 -6.65 7.86
CA GLY D 105 23.96 -6.29 7.09
C GLY D 105 24.32 -5.40 5.92
N THR D 106 23.45 -5.41 4.94
CA THR D 106 23.57 -4.52 3.80
C THR D 106 22.22 -3.89 3.56
N LYS D 107 22.14 -2.56 3.68
CA LYS D 107 20.92 -1.84 3.34
C LYS D 107 20.84 -1.73 1.82
N LEU D 108 19.84 -2.36 1.22
CA LEU D 108 19.63 -2.26 -0.21
C LEU D 108 18.49 -1.27 -0.44
N THR D 109 18.80 -0.13 -1.07
CA THR D 109 17.79 0.85 -1.46
C THR D 109 17.51 0.69 -2.95
N VAL D 110 16.24 0.55 -3.29
CA VAL D 110 15.84 0.40 -4.68
C VAL D 110 15.34 1.76 -5.16
N LEU D 111 16.18 2.45 -5.93
CA LEU D 111 15.89 3.77 -6.48
C LEU D 111 14.65 3.81 -7.39
N GLY D 112 13.54 4.33 -6.87
CA GLY D 112 12.33 4.40 -7.67
C GLY D 112 11.71 5.78 -7.76
N GLN D 113 12.55 6.81 -7.88
CA GLN D 113 12.11 8.20 -7.78
C GLN D 113 13.31 9.10 -8.03
N PRO D 114 13.14 10.28 -8.60
CA PRO D 114 14.30 11.11 -8.92
C PRO D 114 14.98 11.60 -7.64
N LYS D 115 16.29 11.87 -7.76
CA LYS D 115 17.04 12.44 -6.66
C LYS D 115 16.36 13.73 -6.19
N ALA D 116 16.55 14.05 -4.90
CA ALA D 116 15.96 15.23 -4.26
C ALA D 116 16.83 15.63 -3.08
N ALA D 117 17.38 16.85 -3.11
CA ALA D 117 18.24 17.35 -2.05
C ALA D 117 17.42 17.80 -0.84
N PRO D 118 18.01 17.80 0.35
CA PRO D 118 17.22 17.96 1.56
C PRO D 118 16.91 19.42 1.92
N SER D 119 15.71 19.62 2.48
CA SER D 119 15.31 20.88 3.11
C SER D 119 15.69 20.80 4.57
N VAL D 120 16.33 21.86 5.09
CA VAL D 120 16.98 21.84 6.39
C VAL D 120 16.49 23.01 7.24
N THR D 121 15.74 22.72 8.30
CA THR D 121 15.26 23.74 9.21
C THR D 121 15.87 23.53 10.59
N LEU D 122 16.41 24.60 11.17
CA LEU D 122 17.09 24.52 12.46
C LEU D 122 16.31 25.31 13.49
N PHE D 123 15.88 24.64 14.55
CA PHE D 123 15.10 25.32 15.57
C PHE D 123 15.98 25.65 16.75
N PRO D 124 16.14 26.92 17.11
CA PRO D 124 16.86 27.25 18.33
C PRO D 124 16.07 26.76 19.52
N PRO D 125 16.60 26.82 20.73
CA PRO D 125 15.79 26.35 21.86
C PRO D 125 14.70 27.36 22.16
N SER D 126 13.50 26.83 22.36
CA SER D 126 12.38 27.65 22.80
C SER D 126 12.72 28.34 24.11
N SER D 127 12.13 29.51 24.33
CA SER D 127 12.32 30.15 25.63
C SER D 127 11.74 29.31 26.74
N GLU D 128 10.60 28.68 26.48
CA GLU D 128 9.97 27.83 27.48
C GLU D 128 10.92 26.72 27.92
N GLU D 129 11.80 26.26 27.04
CA GLU D 129 12.82 25.29 27.45
C GLU D 129 13.96 25.97 28.22
N LEU D 130 14.34 27.19 27.82
CA LEU D 130 15.33 27.92 28.59
C LEU D 130 14.81 28.23 29.97
N GLN D 131 13.51 28.51 30.10
CA GLN D 131 12.94 28.78 31.41
C GLN D 131 13.00 27.59 32.34
N ALA D 132 13.09 26.38 31.81
CA ALA D 132 13.22 25.18 32.63
C ALA D 132 14.66 24.74 32.77
N ASN D 133 15.63 25.59 32.40
CA ASN D 133 17.06 25.34 32.57
C ASN D 133 17.61 24.29 31.62
N LYS D 134 16.88 23.95 30.56
CA LYS D 134 17.36 23.05 29.51
C LYS D 134 17.51 23.83 28.20
N ALA D 135 18.24 23.25 27.25
CA ALA D 135 18.42 23.86 25.94
C ALA D 135 18.71 22.78 24.89
N THR D 136 17.85 22.67 23.87
CA THR D 136 18.05 21.72 22.79
C THR D 136 17.95 22.42 21.44
N LEU D 137 18.82 22.06 20.51
CA LEU D 137 18.72 22.51 19.13
C LEU D 137 18.14 21.38 18.28
N VAL D 138 17.13 21.68 17.49
CA VAL D 138 16.45 20.66 16.70
C VAL D 138 16.66 20.95 15.23
N CYS D 139 17.37 20.06 14.55
CA CYS D 139 17.68 20.19 13.13
C CYS D 139 16.83 19.21 12.34
N LEU D 140 15.91 19.73 11.51
CA LEU D 140 14.99 18.91 10.72
C LEU D 140 15.45 18.86 9.28
N ILE D 141 15.50 17.65 8.75
CA ILE D 141 15.86 17.38 7.36
C ILE D 141 14.69 16.64 6.74
N SER D 142 14.19 17.12 5.61
CA SER D 142 13.01 16.50 5.03
C SER D 142 13.10 16.52 3.51
N ASP D 143 12.16 15.78 2.89
CA ASP D 143 11.94 15.80 1.45
C ASP D 143 13.23 15.49 0.70
N PHE D 144 13.87 14.39 1.07
CA PHE D 144 15.01 13.94 0.29
C PHE D 144 14.81 12.51 -0.17
N TYR D 145 15.54 12.18 -1.23
CA TYR D 145 15.54 10.87 -1.86
C TYR D 145 16.84 10.73 -2.63
N PRO D 146 17.59 9.66 -2.39
CA PRO D 146 17.27 8.65 -1.37
C PRO D 146 17.73 9.02 0.05
N GLY D 147 17.13 8.40 1.06
CA GLY D 147 17.48 8.73 2.41
C GLY D 147 18.82 8.19 2.88
N ALA D 148 19.89 8.87 2.49
CA ALA D 148 21.23 8.58 2.99
C ALA D 148 21.86 9.94 3.22
N VAL D 149 22.11 10.28 4.49
CA VAL D 149 22.50 11.62 4.90
C VAL D 149 23.58 11.53 5.96
N THR D 150 24.45 12.55 5.99
CA THR D 150 25.45 12.74 7.04
C THR D 150 25.24 14.07 7.74
N VAL D 151 25.15 14.03 9.07
CA VAL D 151 24.87 15.23 9.85
C VAL D 151 26.06 15.50 10.76
N ALA D 152 26.51 16.75 10.79
CA ALA D 152 27.58 17.19 11.65
C ALA D 152 27.24 18.57 12.18
N TRP D 153 27.46 18.77 13.46
CA TRP D 153 27.25 20.06 14.09
C TRP D 153 28.57 20.80 14.23
N LYS D 154 28.47 22.12 14.44
CA LYS D 154 29.60 23.02 14.57
C LYS D 154 29.24 24.11 15.56
N ALA D 155 30.17 24.39 16.49
CA ALA D 155 30.11 25.57 17.36
C ALA D 155 31.02 26.63 16.75
N ASP D 156 30.39 27.67 16.22
CA ASP D 156 31.05 28.55 15.26
C ASP D 156 31.58 27.72 14.11
N SER D 157 32.84 27.31 14.17
CA SER D 157 33.36 26.41 13.14
C SER D 157 34.04 25.16 13.69
N SER D 158 34.20 25.05 15.01
CA SER D 158 34.76 23.87 15.64
C SER D 158 33.76 22.72 15.59
N PRO D 159 34.12 21.55 15.07
CA PRO D 159 33.17 20.43 15.07
C PRO D 159 32.79 20.05 16.49
N VAL D 160 31.52 19.69 16.65
CA VAL D 160 30.98 19.23 17.93
C VAL D 160 30.43 17.82 17.74
N LYS D 161 30.87 16.91 18.60
CA LYS D 161 30.36 15.55 18.68
C LYS D 161 29.66 15.29 20.01
N ALA D 162 29.93 16.12 21.03
CA ALA D 162 29.35 15.88 22.33
C ALA D 162 27.92 16.36 22.34
N GLY D 163 27.02 15.53 22.86
CA GLY D 163 25.63 15.92 23.04
C GLY D 163 24.77 15.88 21.80
N VAL D 164 25.05 14.99 20.86
CA VAL D 164 24.32 14.91 19.61
C VAL D 164 23.63 13.57 19.49
N GLU D 165 22.37 13.59 19.07
CA GLU D 165 21.65 12.37 18.68
C GLU D 165 20.98 12.62 17.35
N THR D 166 20.74 11.54 16.60
CA THR D 166 20.21 11.66 15.25
C THR D 166 19.38 10.44 14.90
N THR D 167 18.21 10.65 14.31
CA THR D 167 17.43 9.50 13.92
C THR D 167 17.90 9.04 12.56
N THR D 168 17.63 7.85 12.27
CA THR D 168 17.94 7.47 10.90
C THR D 168 16.70 7.69 10.04
N PRO D 169 16.91 8.05 8.74
CA PRO D 169 15.79 8.40 7.85
C PRO D 169 14.61 7.44 7.84
N SER D 170 13.43 7.96 7.46
CA SER D 170 12.16 7.25 7.47
C SER D 170 11.22 7.97 6.52
N LYS D 171 10.33 7.24 5.85
CA LYS D 171 9.63 7.83 4.72
C LYS D 171 8.53 8.78 5.17
N GLN D 172 8.35 9.85 4.40
CA GLN D 172 7.25 10.77 4.60
C GLN D 172 6.05 10.33 3.77
N SER D 173 4.92 10.98 4.00
CA SER D 173 3.71 10.67 3.27
C SER D 173 3.80 10.99 1.78
N ASN D 174 4.90 11.56 1.30
CA ASN D 174 5.12 11.72 -0.13
C ASN D 174 6.30 10.89 -0.61
N ASN D 175 6.53 9.75 0.05
CA ASN D 175 7.49 8.73 -0.37
C ASN D 175 8.91 9.28 -0.48
N LYS D 176 9.21 10.32 0.30
CA LYS D 176 10.56 10.85 0.48
C LYS D 176 10.93 10.65 1.94
N TYR D 177 12.21 10.83 2.25
CA TYR D 177 12.69 10.52 3.60
C TYR D 177 12.84 11.80 4.43
N ALA D 178 13.13 11.61 5.71
CA ALA D 178 13.23 12.68 6.69
C ALA D 178 14.05 12.20 7.87
N ALA D 179 14.76 13.12 8.50
CA ALA D 179 15.56 12.74 9.66
C ALA D 179 15.76 13.95 10.55
N SER D 180 15.90 13.68 11.86
CA SER D 180 16.04 14.70 12.89
C SER D 180 17.34 14.50 13.67
N SER D 181 17.93 15.61 14.10
CA SER D 181 19.15 15.62 14.90
C SER D 181 18.97 16.57 16.07
N TYR D 182 19.61 16.25 17.19
CA TYR D 182 19.50 17.05 18.39
C TYR D 182 20.88 17.38 18.92
N LEU D 183 21.00 18.55 19.54
CA LEU D 183 22.21 18.95 20.24
C LEU D 183 21.78 19.53 21.57
N SER D 184 22.13 18.87 22.67
CA SER D 184 21.82 19.41 23.99
C SER D 184 22.94 20.29 24.48
N LEU D 185 22.56 21.39 25.13
CA LEU D 185 23.48 22.36 25.72
C LEU D 185 22.90 22.82 27.04
N THR D 186 23.75 23.46 27.85
CA THR D 186 23.25 24.19 29.00
C THR D 186 22.85 25.61 28.59
N PRO D 187 21.93 26.23 29.32
CA PRO D 187 21.56 27.61 29.00
C PRO D 187 22.75 28.55 28.86
N GLU D 188 23.77 28.44 29.73
CA GLU D 188 24.99 29.22 29.53
C GLU D 188 25.63 28.90 28.19
N GLN D 189 25.81 27.61 27.91
CA GLN D 189 26.41 27.22 26.65
C GLN D 189 25.67 27.86 25.48
N TRP D 190 24.34 27.90 25.55
CA TRP D 190 23.55 28.50 24.47
C TRP D 190 23.75 30.01 24.44
N LYS D 191 23.48 30.68 25.58
CA LYS D 191 23.45 32.15 25.79
C LYS D 191 24.82 32.83 25.66
N SER D 192 25.87 32.15 25.24
CA SER D 192 27.21 32.71 25.25
C SER D 192 27.49 33.42 23.91
N HIS D 193 28.77 33.56 23.59
CA HIS D 193 29.22 34.21 22.37
C HIS D 193 29.08 33.35 21.13
N ARG D 194 28.78 32.05 21.30
CA ARG D 194 28.92 31.09 20.22
C ARG D 194 27.71 31.10 19.29
N SER D 195 27.92 30.49 18.13
CA SER D 195 26.88 30.29 17.14
C SER D 195 26.93 28.81 16.77
N TYR D 196 25.85 28.28 16.23
CA TYR D 196 25.82 26.85 16.02
C TYR D 196 25.32 26.50 14.63
N SER D 197 25.97 25.54 13.97
CA SER D 197 25.63 25.17 12.61
C SER D 197 25.20 23.71 12.53
N CYS D 198 24.22 23.43 11.67
CA CYS D 198 23.85 22.06 11.31
C CYS D 198 24.24 21.82 9.85
N GLN D 199 25.10 20.81 9.61
CA GLN D 199 25.60 20.51 8.27
C GLN D 199 25.10 19.14 7.83
N VAL D 200 24.32 19.14 6.76
CA VAL D 200 23.59 17.97 6.26
C VAL D 200 24.15 17.64 4.89
N THR D 201 24.67 16.43 4.73
CA THR D 201 25.25 15.99 3.46
C THR D 201 24.38 14.90 2.83
N HIS D 202 23.87 15.15 1.62
CA HIS D 202 23.01 14.20 0.90
C HIS D 202 23.56 14.07 -0.51
N GLU D 203 24.26 12.97 -0.76
CA GLU D 203 24.95 12.71 -2.03
C GLU D 203 25.95 13.81 -2.34
N GLY D 204 27.02 13.82 -1.54
CA GLY D 204 28.12 14.75 -1.73
C GLY D 204 27.91 16.19 -1.33
N SER D 205 26.80 16.80 -1.76
CA SER D 205 26.50 18.19 -1.47
C SER D 205 26.17 18.41 0.01
N THR D 206 26.34 19.65 0.48
CA THR D 206 26.14 19.96 1.90
C THR D 206 25.38 21.29 2.07
N VAL D 207 24.33 21.24 2.88
CA VAL D 207 23.56 22.41 3.28
C VAL D 207 23.82 22.71 4.76
N GLU D 208 23.92 23.99 5.09
CA GLU D 208 24.30 24.41 6.42
C GLU D 208 23.33 25.48 6.91
N LYS D 209 22.80 25.30 8.11
CA LYS D 209 21.95 26.26 8.77
C LYS D 209 22.62 26.65 10.08
N THR D 210 22.46 27.92 10.47
CA THR D 210 23.16 28.43 11.64
C THR D 210 22.22 29.23 12.53
N VAL D 211 22.32 29.04 13.85
CA VAL D 211 21.59 29.86 14.80
C VAL D 211 22.52 30.34 15.91
N ALA D 212 22.14 31.48 16.48
CA ALA D 212 22.83 32.15 17.55
C ALA D 212 21.77 32.89 18.34
N PRO D 213 22.00 33.10 19.63
CA PRO D 213 21.04 33.89 20.42
C PRO D 213 21.05 35.34 19.99
N THR D 214 19.85 35.90 19.82
CA THR D 214 19.66 37.26 19.33
C THR D 214 18.27 37.79 19.71
N ASN E 1 -48.30 43.58 8.24
CA ASN E 1 -47.26 43.25 9.20
C ASN E 1 -46.00 42.73 8.47
N LEU E 2 -45.09 43.65 8.15
CA LEU E 2 -43.97 43.35 7.26
C LEU E 2 -42.86 42.63 8.04
N CYS E 3 -42.29 41.59 7.44
CA CYS E 3 -41.23 40.87 8.15
C CYS E 3 -39.92 41.67 8.15
N PRO E 4 -39.16 41.60 9.24
CA PRO E 4 -37.89 42.35 9.31
C PRO E 4 -36.71 41.67 8.62
N PHE E 5 -36.94 40.92 7.52
CA PHE E 5 -35.81 40.34 6.80
C PHE E 5 -34.81 41.40 6.40
N GLY E 6 -35.29 42.56 5.96
CA GLY E 6 -34.38 43.62 5.59
C GLY E 6 -33.41 43.95 6.70
N GLU E 7 -33.92 44.12 7.92
CA GLU E 7 -33.07 44.56 9.03
C GLU E 7 -31.96 43.56 9.31
N VAL E 8 -32.22 42.27 9.15
CA VAL E 8 -31.22 41.25 9.52
C VAL E 8 -29.99 41.33 8.63
N PHE E 9 -30.19 41.35 7.30
CA PHE E 9 -29.09 41.50 6.36
C PHE E 9 -28.57 42.93 6.35
N ASN E 10 -29.38 43.85 6.86
CA ASN E 10 -29.09 45.27 6.86
C ASN E 10 -28.02 45.65 7.86
N ALA E 11 -27.99 44.92 8.98
CA ALA E 11 -27.41 45.43 10.21
C ALA E 11 -25.96 45.86 10.07
N THR E 12 -25.66 46.99 10.67
CA THR E 12 -24.31 47.54 10.65
C THR E 12 -23.37 46.66 11.47
N LYS E 13 -23.85 46.19 12.62
CA LYS E 13 -23.07 45.33 13.51
C LYS E 13 -23.54 43.87 13.40
N PHE E 14 -22.60 42.94 13.23
CA PHE E 14 -22.84 41.49 13.26
C PHE E 14 -22.04 40.88 14.39
N PRO E 15 -22.51 39.82 15.03
CA PRO E 15 -21.79 39.23 16.16
C PRO E 15 -20.74 38.21 15.71
N SER E 16 -19.82 37.94 16.63
CA SER E 16 -18.87 36.84 16.48
C SER E 16 -19.62 35.50 16.45
N VAL E 17 -19.02 34.53 15.76
CA VAL E 17 -19.73 33.26 15.52
C VAL E 17 -20.00 32.51 16.83
N TYR E 18 -19.10 32.61 17.82
CA TYR E 18 -19.37 31.90 19.08
C TYR E 18 -20.54 32.49 19.81
N ALA E 19 -20.80 33.79 19.63
CA ALA E 19 -21.91 34.47 20.31
C ALA E 19 -23.00 34.82 19.33
N TRP E 20 -23.21 33.95 18.33
CA TRP E 20 -24.17 34.18 17.25
C TRP E 20 -25.54 34.54 17.82
N GLU E 21 -26.23 35.42 17.11
CA GLU E 21 -27.51 35.94 17.56
C GLU E 21 -28.63 35.44 16.66
N ARG E 22 -29.79 35.26 17.27
CA ARG E 22 -30.98 34.74 16.62
C ARG E 22 -32.11 35.75 16.71
N LYS E 23 -32.85 35.93 15.62
CA LYS E 23 -34.04 36.79 15.62
C LYS E 23 -35.25 35.94 15.29
N LYS E 24 -36.22 35.89 16.20
CA LYS E 24 -37.47 35.18 15.90
C LYS E 24 -38.37 36.07 15.05
N ILE E 25 -38.87 35.50 13.97
CA ILE E 25 -39.66 36.22 12.99
C ILE E 25 -40.96 35.45 12.83
N SER E 26 -42.08 36.07 13.21
CA SER E 26 -43.36 35.38 13.18
C SER E 26 -44.52 36.36 13.08
N ASN E 27 -45.68 35.82 12.72
CA ASN E 27 -46.90 36.57 12.49
C ASN E 27 -46.61 37.84 11.70
N CYS E 28 -46.16 37.64 10.46
CA CYS E 28 -45.88 38.76 9.56
C CYS E 28 -45.94 38.22 8.13
N VAL E 29 -45.95 39.14 7.18
CA VAL E 29 -45.94 38.78 5.78
C VAL E 29 -44.51 38.93 5.28
N ALA E 30 -44.06 37.97 4.49
CA ALA E 30 -42.65 37.86 4.13
C ALA E 30 -42.36 38.51 2.79
N ASP E 31 -41.26 39.25 2.72
CA ASP E 31 -40.77 39.88 1.50
C ASP E 31 -39.32 39.44 1.30
N TYR E 32 -39.11 38.38 0.51
CA TYR E 32 -37.75 37.88 0.27
C TYR E 32 -37.02 38.59 -0.85
N SER E 33 -37.50 39.78 -1.28
CA SER E 33 -36.88 40.45 -2.40
C SER E 33 -35.43 40.84 -2.14
N VAL E 34 -35.02 40.96 -0.87
CA VAL E 34 -33.62 41.31 -0.60
C VAL E 34 -32.67 40.20 -1.06
N LEU E 35 -33.12 38.94 -1.07
CA LEU E 35 -32.27 37.84 -1.54
C LEU E 35 -31.95 37.92 -3.02
N TYR E 36 -32.88 38.41 -3.85
CA TYR E 36 -32.68 38.36 -5.29
C TYR E 36 -32.27 39.70 -5.91
N ASN E 37 -32.63 40.84 -5.31
CA ASN E 37 -32.24 42.15 -5.85
C ASN E 37 -30.93 42.65 -5.29
N SER E 38 -30.03 41.76 -4.88
CA SER E 38 -28.75 42.20 -4.33
C SER E 38 -27.76 41.05 -4.58
N THR E 39 -27.26 41.03 -5.82
CA THR E 39 -26.50 39.93 -6.43
C THR E 39 -25.09 39.73 -5.85
N PHE E 40 -24.92 39.77 -4.54
CA PHE E 40 -23.60 39.57 -3.99
C PHE E 40 -23.51 38.33 -3.13
N PHE E 41 -24.62 37.65 -2.86
CA PHE E 41 -24.55 36.45 -2.04
C PHE E 41 -23.75 35.37 -2.71
N SER E 42 -22.48 35.25 -2.35
CA SER E 42 -21.64 34.20 -2.91
C SER E 42 -22.05 32.82 -2.45
N THR E 43 -22.87 32.73 -1.40
CA THR E 43 -23.33 31.46 -0.86
C THR E 43 -24.82 31.60 -0.62
N PHE E 44 -25.59 30.70 -1.20
CA PHE E 44 -27.04 30.72 -1.18
C PHE E 44 -27.42 29.25 -1.38
N LYS E 45 -27.42 28.50 -0.29
CA LYS E 45 -27.63 27.06 -0.29
C LYS E 45 -28.89 26.72 0.49
N CYS E 46 -29.73 25.85 -0.03
CA CYS E 46 -30.96 25.51 0.67
C CYS E 46 -31.10 24.00 0.85
N TYR E 47 -31.90 23.63 1.84
CA TYR E 47 -32.04 22.26 2.30
C TYR E 47 -33.51 22.08 2.63
N GLY E 48 -34.16 21.13 1.96
CA GLY E 48 -35.58 20.91 2.16
C GLY E 48 -36.52 22.02 1.76
N VAL E 49 -36.03 23.06 1.09
CA VAL E 49 -36.85 24.12 0.52
C VAL E 49 -36.16 24.55 -0.77
N SER E 50 -36.88 25.30 -1.57
CA SER E 50 -36.38 25.77 -2.86
C SER E 50 -36.09 27.25 -2.74
N ALA E 51 -34.84 27.62 -3.04
CA ALA E 51 -34.42 29.01 -2.93
C ALA E 51 -35.33 29.97 -3.70
N THR E 52 -35.89 29.53 -4.80
CA THR E 52 -36.62 30.49 -5.61
C THR E 52 -38.11 30.45 -5.38
N LYS E 53 -38.68 29.30 -5.01
CA LYS E 53 -40.10 29.19 -4.65
C LYS E 53 -40.32 29.43 -3.16
N LEU E 54 -39.55 30.37 -2.58
CA LEU E 54 -39.40 30.43 -1.13
C LEU E 54 -40.60 31.05 -0.41
N ASN E 55 -41.30 32.03 -0.98
CA ASN E 55 -42.43 32.61 -0.24
C ASN E 55 -43.70 31.78 -0.37
N ASP E 56 -43.70 30.75 -1.18
CA ASP E 56 -44.80 29.82 -1.17
C ASP E 56 -44.74 28.87 0.03
N LEU E 57 -43.86 29.13 1.00
CA LEU E 57 -43.72 28.33 2.20
C LEU E 57 -44.40 29.03 3.38
N CYS E 58 -45.45 28.41 3.91
CA CYS E 58 -46.21 28.97 5.01
C CYS E 58 -45.58 28.51 6.32
N PHE E 59 -44.91 29.43 7.00
CA PHE E 59 -44.18 29.13 8.22
C PHE E 59 -44.97 29.62 9.43
N SER E 60 -44.84 28.88 10.54
CA SER E 60 -45.20 29.44 11.83
C SER E 60 -44.16 30.46 12.25
N ASN E 61 -42.91 30.01 12.42
CA ASN E 61 -41.78 30.90 12.72
C ASN E 61 -40.67 30.66 11.71
N VAL E 62 -39.96 31.73 11.39
CA VAL E 62 -38.63 31.66 10.80
C VAL E 62 -37.63 32.15 11.86
N TYR E 63 -36.47 31.51 11.90
CA TYR E 63 -35.36 31.99 12.72
C TYR E 63 -34.22 32.45 11.84
N ALA E 64 -33.73 33.65 12.12
CA ALA E 64 -32.59 34.24 11.43
C ALA E 64 -31.40 34.31 12.39
N ASP E 65 -30.30 33.65 12.03
CA ASP E 65 -29.08 33.56 12.83
C ASP E 65 -27.95 34.31 12.12
N SER E 66 -27.27 35.21 12.82
CA SER E 66 -26.29 36.08 12.18
C SER E 66 -24.93 35.90 12.83
N PHE E 67 -23.87 35.93 12.05
CA PHE E 67 -22.53 35.84 12.61
C PHE E 67 -21.53 36.10 11.50
N VAL E 68 -20.26 36.19 11.89
CA VAL E 68 -19.12 36.40 11.01
C VAL E 68 -18.13 35.25 11.15
N VAL E 69 -17.59 34.79 10.01
CA VAL E 69 -16.54 33.80 9.92
C VAL E 69 -15.69 34.16 8.70
N LYS E 70 -14.49 33.60 8.62
CA LYS E 70 -13.68 33.81 7.43
C LYS E 70 -14.20 32.94 6.29
N GLY E 71 -13.76 33.25 5.08
CA GLY E 71 -14.30 32.58 3.91
C GLY E 71 -14.13 31.06 3.94
N ASP E 72 -12.90 30.60 4.22
CA ASP E 72 -12.62 29.17 4.23
C ASP E 72 -13.41 28.43 5.30
N ASP E 73 -14.08 29.16 6.20
CA ASP E 73 -14.88 28.56 7.24
C ASP E 73 -16.36 28.48 6.87
N VAL E 74 -16.77 29.16 5.80
CA VAL E 74 -18.18 29.20 5.37
C VAL E 74 -18.69 27.83 5.03
N ARG E 75 -17.84 26.95 4.49
CA ARG E 75 -18.26 25.61 4.15
C ARG E 75 -18.78 24.80 5.32
N GLN E 76 -18.47 25.18 6.56
CA GLN E 76 -18.91 24.46 7.75
C GLN E 76 -20.32 24.84 8.20
N ILE E 77 -20.95 25.78 7.49
CA ILE E 77 -22.31 26.18 7.79
C ILE E 77 -23.20 25.39 6.85
N ALA E 78 -23.32 24.11 7.16
CA ALA E 78 -24.01 23.12 6.36
C ALA E 78 -24.24 21.93 7.24
N PRO E 79 -25.30 21.16 7.03
CA PRO E 79 -25.55 20.01 7.91
C PRO E 79 -24.44 18.96 7.76
N GLY E 80 -24.16 18.27 8.86
CA GLY E 80 -23.20 17.20 8.83
C GLY E 80 -21.75 17.59 8.62
N GLN E 81 -21.41 18.88 8.69
CA GLN E 81 -20.02 19.29 8.59
C GLN E 81 -19.28 19.06 9.89
N THR E 82 -17.95 19.10 9.81
CA THR E 82 -17.11 19.11 11.00
C THR E 82 -16.01 20.13 10.82
N GLY E 83 -15.36 20.44 11.95
CA GLY E 83 -14.34 21.46 11.97
C GLY E 83 -14.58 22.29 13.19
N VAL E 84 -13.68 23.22 13.47
CA VAL E 84 -13.75 23.94 14.74
C VAL E 84 -15.01 24.81 14.81
N ILE E 85 -15.40 25.42 13.68
CA ILE E 85 -16.57 26.27 13.69
C ILE E 85 -17.82 25.44 13.87
N ALA E 86 -17.91 24.31 13.15
CA ALA E 86 -19.16 23.55 13.17
C ALA E 86 -19.32 22.75 14.44
N ASP E 87 -18.22 22.42 15.09
CA ASP E 87 -18.28 21.56 16.26
C ASP E 87 -18.27 22.32 17.57
N TYR E 88 -17.71 23.56 17.60
CA TYR E 88 -17.65 24.34 18.85
C TYR E 88 -18.32 25.71 18.79
N ASN E 89 -18.88 26.13 17.64
CA ASN E 89 -19.48 27.47 17.55
C ASN E 89 -20.93 27.46 17.05
N TYR E 90 -21.17 26.91 15.86
CA TYR E 90 -22.51 26.93 15.28
C TYR E 90 -22.74 25.64 14.55
N LYS E 91 -23.75 24.88 14.98
CA LYS E 91 -23.98 23.51 14.48
C LYS E 91 -25.37 23.44 13.86
N LEU E 92 -25.43 23.08 12.53
CA LEU E 92 -26.75 22.81 11.98
C LEU E 92 -27.17 21.37 12.26
N PRO E 93 -28.46 21.12 12.45
CA PRO E 93 -28.95 19.74 12.54
C PRO E 93 -28.89 19.03 11.19
N ASP E 94 -28.98 17.70 11.22
CA ASP E 94 -28.87 16.94 9.98
C ASP E 94 -30.05 17.21 9.05
N ASP E 95 -31.23 17.39 9.61
CA ASP E 95 -32.40 17.71 8.82
C ASP E 95 -32.70 19.19 8.86
N PHE E 96 -31.66 20.00 8.94
CA PHE E 96 -31.84 21.42 8.77
C PHE E 96 -32.72 21.67 7.55
N MET E 97 -33.72 22.52 7.74
CA MET E 97 -34.63 22.90 6.67
C MET E 97 -34.68 24.43 6.59
N GLY E 98 -33.98 24.97 5.61
CA GLY E 98 -33.92 26.39 5.36
C GLY E 98 -32.73 26.67 4.46
N CYS E 99 -32.40 27.95 4.34
CA CYS E 99 -31.25 28.33 3.51
C CYS E 99 -30.16 28.98 4.34
N VAL E 100 -28.97 29.00 3.72
CA VAL E 100 -27.75 29.56 4.27
C VAL E 100 -27.20 30.57 3.28
N LEU E 101 -27.05 31.81 3.71
CA LEU E 101 -26.56 32.87 2.83
C LEU E 101 -25.28 33.42 3.40
N ALA E 102 -24.35 33.79 2.52
CA ALA E 102 -23.11 34.38 2.99
C ALA E 102 -22.58 35.31 1.93
N TRP E 103 -21.96 36.42 2.38
CA TRP E 103 -21.37 37.37 1.45
C TRP E 103 -20.11 38.01 2.04
N ASN E 104 -19.17 38.30 1.15
CA ASN E 104 -17.89 38.89 1.55
C ASN E 104 -18.13 40.30 2.07
N THR E 105 -17.57 40.60 3.24
CA THR E 105 -17.75 41.91 3.85
C THR E 105 -16.41 42.51 4.22
N ARG E 106 -15.44 42.38 3.32
CA ARG E 106 -14.11 42.93 3.55
C ARG E 106 -14.17 44.45 3.69
N ASN E 107 -14.94 45.11 2.84
CA ASN E 107 -14.97 46.57 2.88
C ASN E 107 -15.51 47.14 4.19
N ILE E 108 -16.03 46.30 5.09
CA ILE E 108 -16.59 46.79 6.34
C ILE E 108 -16.12 45.98 7.55
N ASP E 109 -15.59 44.79 7.37
CA ASP E 109 -15.15 43.98 8.48
C ASP E 109 -13.64 43.76 8.52
N ALA E 110 -12.90 44.17 7.49
CA ALA E 110 -11.45 44.11 7.48
C ALA E 110 -10.87 45.53 7.55
N THR E 111 -9.58 45.62 7.92
CA THR E 111 -8.88 46.90 7.85
C THR E 111 -7.47 46.68 7.35
N SER E 112 -6.80 47.80 7.07
CA SER E 112 -5.38 47.75 6.72
C SER E 112 -4.54 47.23 7.88
N THR E 113 -4.90 47.62 9.10
CA THR E 113 -4.14 47.33 10.31
C THR E 113 -4.50 46.01 10.95
N GLY E 114 -5.60 45.37 10.54
CA GLY E 114 -6.06 44.18 11.21
C GLY E 114 -7.29 44.39 12.07
N ASN E 115 -8.31 43.58 11.87
CA ASN E 115 -9.51 43.65 12.70
C ASN E 115 -9.59 42.35 13.50
N TYR E 116 -9.29 42.44 14.80
CA TYR E 116 -9.26 41.29 15.67
C TYR E 116 -10.47 41.24 16.59
N ASN E 117 -11.56 41.96 16.25
CA ASN E 117 -12.76 42.00 17.07
C ASN E 117 -13.61 40.74 16.98
N TYR E 118 -13.47 39.94 15.93
CA TYR E 118 -14.29 38.74 15.78
C TYR E 118 -13.51 37.51 16.27
N LYS E 119 -14.17 36.67 17.06
CA LYS E 119 -13.56 35.57 17.75
C LYS E 119 -14.36 34.31 17.51
N TYR E 120 -13.70 33.16 17.57
CA TYR E 120 -14.37 31.86 17.55
C TYR E 120 -13.78 30.99 18.63
N ARG E 121 -14.55 30.00 19.06
CA ARG E 121 -14.11 29.06 20.09
C ARG E 121 -13.35 27.91 19.42
N TYR E 122 -12.06 27.73 19.78
CA TYR E 122 -11.25 26.69 19.16
C TYR E 122 -10.98 25.50 20.05
N LEU E 123 -11.35 25.58 21.32
CA LEU E 123 -11.18 24.51 22.30
C LEU E 123 -12.52 24.29 22.98
N ARG E 124 -12.87 23.05 23.24
CA ARG E 124 -14.08 22.78 24.01
C ARG E 124 -14.03 21.32 24.40
N HIS E 125 -14.84 20.93 25.38
CA HIS E 125 -14.82 19.54 25.80
C HIS E 125 -15.72 18.69 24.91
N GLY E 126 -16.99 19.01 24.88
CA GLY E 126 -17.91 18.31 24.01
C GLY E 126 -18.15 19.10 22.74
N LYS E 127 -18.70 18.42 21.74
CA LYS E 127 -19.20 19.08 20.55
C LYS E 127 -20.55 19.70 20.89
N LEU E 128 -20.90 20.77 20.17
CA LEU E 128 -22.20 21.39 20.39
C LEU E 128 -23.35 20.57 19.80
N ARG E 129 -24.47 20.54 20.51
CA ARG E 129 -25.70 20.10 19.89
C ARG E 129 -26.17 21.13 18.85
N PRO E 130 -26.92 20.69 17.84
CA PRO E 130 -27.46 21.64 16.86
C PRO E 130 -28.18 22.81 17.53
N PHE E 131 -27.88 24.01 17.06
CA PHE E 131 -28.45 25.27 17.53
C PHE E 131 -28.07 25.60 18.97
N GLU E 132 -27.09 24.90 19.54
CA GLU E 132 -26.60 25.20 20.86
C GLU E 132 -25.66 26.41 20.80
N ARG E 133 -25.47 27.05 21.95
CA ARG E 133 -24.71 28.29 21.99
C ARG E 133 -23.90 28.36 23.28
N ASP E 134 -22.60 28.62 23.16
CA ASP E 134 -21.68 28.61 24.30
C ASP E 134 -20.98 29.96 24.40
N ILE E 135 -21.37 30.77 25.38
CA ILE E 135 -20.76 32.10 25.49
C ILE E 135 -19.83 32.21 26.70
N SER E 136 -19.48 31.09 27.32
CA SER E 136 -18.58 31.07 28.47
C SER E 136 -17.16 31.42 28.03
N ASN E 137 -16.32 31.76 29.00
CA ASN E 137 -14.90 32.00 28.71
C ASN E 137 -14.05 31.53 29.88
N VAL E 138 -14.17 30.25 30.21
CA VAL E 138 -13.37 29.62 31.26
C VAL E 138 -12.11 29.03 30.61
N PRO E 139 -10.94 29.14 31.23
CA PRO E 139 -9.73 28.58 30.61
C PRO E 139 -9.84 27.08 30.42
N PHE E 140 -9.39 26.61 29.27
CA PHE E 140 -9.59 25.20 28.92
C PHE E 140 -8.37 24.42 29.34
N SER E 141 -8.63 23.26 29.95
CA SER E 141 -7.62 22.32 30.33
C SER E 141 -8.16 20.93 30.01
N PRO E 142 -7.31 20.07 29.46
CA PRO E 142 -7.77 18.72 29.10
C PRO E 142 -8.42 17.97 30.25
N ASP E 143 -7.99 18.25 31.50
CA ASP E 143 -8.43 17.51 32.67
C ASP E 143 -9.68 18.08 33.33
N GLY E 144 -10.25 19.17 32.81
CA GLY E 144 -11.40 19.78 33.45
C GLY E 144 -11.10 20.51 34.74
N LYS E 145 -9.86 20.46 35.20
CA LYS E 145 -9.44 21.08 36.45
C LYS E 145 -9.22 22.58 36.24
N PRO E 146 -9.73 23.44 37.13
CA PRO E 146 -9.45 24.88 37.01
C PRO E 146 -7.96 25.17 36.99
N CYS E 147 -7.60 26.10 36.13
CA CYS E 147 -6.24 26.53 35.88
C CYS E 147 -6.24 28.01 35.52
N THR E 148 -5.06 28.48 35.19
CA THR E 148 -4.84 29.86 34.74
C THR E 148 -3.76 29.97 33.66
N PRO E 149 -4.11 30.38 32.43
CA PRO E 149 -3.08 30.51 31.37
C PRO E 149 -2.07 31.59 31.68
N PRO E 150 -0.79 31.41 31.32
CA PRO E 150 -0.16 30.22 30.71
C PRO E 150 0.26 29.22 31.78
N ALA E 151 -0.02 27.94 31.60
CA ALA E 151 0.21 27.00 32.68
C ALA E 151 0.10 25.59 32.11
N LEU E 152 0.22 24.62 33.01
CA LEU E 152 0.15 23.21 32.64
C LEU E 152 -1.16 22.88 31.95
N ASN E 153 -1.09 22.80 30.61
CA ASN E 153 -2.22 22.39 29.79
C ASN E 153 -3.34 23.40 29.84
N CYS E 154 -2.99 24.68 29.67
CA CYS E 154 -4.04 25.66 29.86
C CYS E 154 -4.05 26.83 28.91
N TYR E 155 -5.19 26.97 28.23
CA TYR E 155 -5.41 27.95 27.19
C TYR E 155 -6.79 28.55 27.32
N TRP E 156 -6.88 29.85 26.99
CA TRP E 156 -8.17 30.48 26.76
C TRP E 156 -8.80 29.94 25.48
N PRO E 157 -10.09 29.61 25.52
CA PRO E 157 -10.70 28.83 24.42
C PRO E 157 -11.15 29.63 23.21
N LEU E 158 -11.11 30.97 23.23
CA LEU E 158 -11.48 31.78 22.08
C LEU E 158 -10.22 32.34 21.44
N ASN E 159 -10.24 32.45 20.12
CA ASN E 159 -9.14 32.95 19.32
C ASN E 159 -9.69 34.01 18.38
N ASP E 160 -8.87 35.01 18.09
CA ASP E 160 -9.29 36.08 17.22
C ASP E 160 -9.09 35.69 15.76
N TYR E 161 -10.08 35.99 14.94
CA TYR E 161 -9.87 36.11 13.50
C TYR E 161 -9.08 37.39 13.27
N GLY E 162 -8.17 37.37 12.32
CA GLY E 162 -7.45 38.58 11.99
C GLY E 162 -7.76 39.09 10.61
N PHE E 163 -8.68 40.02 10.46
CA PHE E 163 -9.19 40.37 9.13
C PHE E 163 -8.44 41.59 8.59
N TYR E 164 -7.69 41.36 7.53
CA TYR E 164 -6.96 42.41 6.82
C TYR E 164 -7.56 42.59 5.43
N THR E 165 -7.60 43.84 4.97
CA THR E 165 -8.12 44.16 3.65
C THR E 165 -7.36 43.46 2.54
N THR E 166 -6.19 42.92 2.82
CA THR E 166 -5.22 42.63 1.77
C THR E 166 -4.69 41.21 1.84
N THR E 167 -5.55 40.23 2.10
CA THR E 167 -5.15 38.83 2.21
C THR E 167 -5.94 38.01 1.22
N GLY E 168 -5.60 36.73 1.12
CA GLY E 168 -6.35 35.81 0.30
C GLY E 168 -7.84 35.83 0.53
N ILE E 169 -8.60 35.54 -0.53
CA ILE E 169 -10.06 35.62 -0.48
C ILE E 169 -10.64 34.73 0.60
N GLY E 170 -9.94 33.65 0.94
CA GLY E 170 -10.44 32.74 1.94
C GLY E 170 -10.14 33.15 3.36
N TYR E 171 -9.38 34.23 3.53
CA TYR E 171 -9.08 34.78 4.84
C TYR E 171 -9.83 36.08 5.10
N GLN E 172 -10.61 36.55 4.15
CA GLN E 172 -11.39 37.76 4.32
C GLN E 172 -12.68 37.45 5.08
N PRO E 173 -13.29 38.47 5.69
CA PRO E 173 -14.48 38.21 6.50
C PRO E 173 -15.72 38.02 5.66
N TYR E 174 -16.59 37.12 6.12
CA TYR E 174 -17.85 36.84 5.46
C TYR E 174 -18.96 36.98 6.49
N ARG E 175 -20.01 37.72 6.14
CA ARG E 175 -21.22 37.74 6.96
C ARG E 175 -22.12 36.60 6.56
N VAL E 176 -22.68 35.92 7.55
CA VAL E 176 -23.53 34.76 7.33
C VAL E 176 -24.86 34.97 8.03
N VAL E 177 -25.95 34.74 7.30
CA VAL E 177 -27.30 34.65 7.86
C VAL E 177 -27.85 33.26 7.56
N VAL E 178 -28.37 32.58 8.59
CA VAL E 178 -28.97 31.27 8.46
C VAL E 178 -30.47 31.39 8.68
N LEU E 179 -31.26 30.97 7.70
CA LEU E 179 -32.71 31.08 7.76
C LEU E 179 -33.27 29.70 8.02
N SER E 180 -33.96 29.55 9.13
CA SER E 180 -34.48 28.29 9.63
C SER E 180 -36.00 28.38 9.62
N PHE E 181 -36.66 27.35 9.12
CA PHE E 181 -38.10 27.40 8.83
C PHE E 181 -38.87 26.35 9.62
N GLU E 182 -39.85 26.81 10.40
CA GLU E 182 -40.76 25.87 11.07
C GLU E 182 -42.01 25.60 10.22
N ASN F 1 27.24 -58.27 10.81
CA ASN F 1 25.93 -58.30 10.13
C ASN F 1 25.46 -56.89 9.75
N LEU F 2 25.99 -56.37 8.65
CA LEU F 2 25.91 -54.94 8.37
C LEU F 2 24.60 -54.51 7.73
N CYS F 3 24.15 -53.33 8.13
CA CYS F 3 22.98 -52.75 7.52
C CYS F 3 23.32 -52.32 6.10
N PRO F 4 22.43 -52.50 5.14
CA PRO F 4 22.75 -52.15 3.76
C PRO F 4 22.66 -50.66 3.45
N PHE F 5 23.02 -49.78 4.40
CA PHE F 5 23.02 -48.36 4.11
C PHE F 5 23.85 -48.06 2.87
N GLY F 6 24.99 -48.70 2.72
CA GLY F 6 25.77 -48.51 1.52
C GLY F 6 24.95 -48.82 0.27
N GLU F 7 24.25 -49.95 0.28
CA GLU F 7 23.50 -50.38 -0.90
C GLU F 7 22.44 -49.36 -1.29
N VAL F 8 21.84 -48.68 -0.30
CA VAL F 8 20.79 -47.72 -0.58
C VAL F 8 21.34 -46.49 -1.30
N PHE F 9 22.39 -45.90 -0.78
CA PHE F 9 22.96 -44.73 -1.44
C PHE F 9 23.72 -45.10 -2.68
N ASN F 10 24.18 -46.36 -2.76
CA ASN F 10 24.95 -46.87 -3.90
C ASN F 10 24.09 -47.24 -5.09
N ALA F 11 22.81 -47.54 -4.89
CA ALA F 11 22.04 -48.22 -5.90
C ALA F 11 22.12 -47.47 -7.22
N THR F 12 22.28 -48.24 -8.29
CA THR F 12 22.47 -47.64 -9.60
C THR F 12 21.18 -47.00 -10.10
N LYS F 13 20.05 -47.65 -9.90
CA LYS F 13 18.77 -47.14 -10.36
C LYS F 13 18.03 -46.51 -9.20
N PHE F 14 17.49 -45.32 -9.44
CA PHE F 14 16.66 -44.68 -8.44
C PHE F 14 15.27 -44.43 -9.00
N PRO F 15 14.25 -44.50 -8.17
CA PRO F 15 12.88 -44.36 -8.66
C PRO F 15 12.41 -42.90 -8.80
N SER F 16 11.35 -42.75 -9.59
CA SER F 16 10.63 -41.50 -9.68
C SER F 16 9.99 -41.18 -8.34
N VAL F 17 9.85 -39.87 -8.08
CA VAL F 17 9.37 -39.45 -6.78
C VAL F 17 7.93 -39.91 -6.56
N TYR F 18 7.10 -39.97 -7.61
CA TYR F 18 5.73 -40.44 -7.42
C TYR F 18 5.71 -41.93 -7.05
N ALA F 19 6.71 -42.67 -7.48
CA ALA F 19 6.76 -44.11 -7.20
C ALA F 19 7.92 -44.46 -6.25
N TRP F 20 8.21 -43.56 -5.31
CA TRP F 20 9.32 -43.72 -4.39
C TRP F 20 9.30 -45.09 -3.71
N GLU F 21 10.48 -45.64 -3.47
CA GLU F 21 10.60 -46.98 -2.92
C GLU F 21 11.09 -46.91 -1.49
N ARG F 22 10.66 -47.86 -0.67
CA ARG F 22 11.03 -47.90 0.73
C ARG F 22 11.80 -49.19 1.03
N LYS F 23 12.92 -49.06 1.72
CA LYS F 23 13.66 -50.23 2.17
C LYS F 23 13.64 -50.28 3.68
N LYS F 24 13.08 -51.35 4.24
CA LYS F 24 13.07 -51.57 5.68
C LYS F 24 14.42 -52.17 6.11
N ILE F 25 15.01 -51.61 7.15
CA ILE F 25 16.31 -52.00 7.66
C ILE F 25 16.19 -52.28 9.13
N SER F 26 16.49 -53.52 9.54
CA SER F 26 16.40 -53.92 10.95
C SER F 26 17.26 -55.14 11.18
N ASN F 27 17.44 -55.48 12.47
CA ASN F 27 18.27 -56.58 12.93
C ASN F 27 19.64 -56.56 12.26
N CYS F 28 20.36 -55.49 12.49
CA CYS F 28 21.68 -55.32 11.89
C CYS F 28 22.45 -54.29 12.69
N VAL F 29 23.73 -54.22 12.43
CA VAL F 29 24.61 -53.23 13.03
C VAL F 29 24.79 -52.10 12.04
N ALA F 30 24.75 -50.89 12.53
CA ALA F 30 24.71 -49.77 11.62
C ALA F 30 26.12 -49.25 11.41
N ASP F 31 26.43 -48.94 10.15
CA ASP F 31 27.70 -48.36 9.73
C ASP F 31 27.33 -47.12 8.92
N TYR F 32 27.25 -45.99 9.61
CA TYR F 32 26.89 -44.74 8.97
C TYR F 32 28.09 -44.01 8.40
N SER F 33 29.25 -44.66 8.32
CA SER F 33 30.43 -43.93 7.88
C SER F 33 30.23 -43.34 6.50
N VAL F 34 29.29 -43.89 5.72
CA VAL F 34 29.02 -43.43 4.37
C VAL F 34 28.45 -42.03 4.38
N LEU F 35 27.73 -41.65 5.46
CA LEU F 35 27.22 -40.28 5.61
C LEU F 35 28.33 -39.24 5.86
N TYR F 36 29.42 -39.61 6.51
CA TYR F 36 30.37 -38.59 6.89
C TYR F 36 31.58 -38.49 5.98
N ASN F 37 31.90 -39.53 5.23
CA ASN F 37 32.99 -39.55 4.27
C ASN F 37 32.50 -39.12 2.88
N SER F 38 31.62 -38.11 2.86
CA SER F 38 30.96 -37.69 1.62
C SER F 38 30.71 -36.18 1.63
N THR F 39 31.71 -35.39 1.16
CA THR F 39 31.50 -33.93 1.07
C THR F 39 30.38 -33.52 0.03
N PHE F 40 29.61 -34.48 -0.48
CA PHE F 40 28.66 -34.16 -1.51
C PHE F 40 27.22 -34.14 -1.06
N PHE F 41 26.88 -34.63 0.13
CA PHE F 41 25.48 -34.46 0.53
C PHE F 41 25.21 -33.00 0.82
N SER F 42 24.80 -32.21 -0.18
CA SER F 42 24.54 -30.79 0.00
C SER F 42 23.29 -30.54 0.85
N THR F 43 22.53 -31.58 1.16
CA THR F 43 21.35 -31.51 2.00
C THR F 43 21.49 -32.62 3.00
N PHE F 44 21.48 -32.28 4.28
CA PHE F 44 21.71 -33.22 5.36
C PHE F 44 21.01 -32.60 6.57
N LYS F 45 19.71 -32.81 6.66
CA LYS F 45 18.84 -32.16 7.64
C LYS F 45 18.21 -33.21 8.54
N CYS F 46 18.22 -32.99 9.86
CA CYS F 46 17.70 -34.01 10.79
C CYS F 46 16.67 -33.41 11.73
N TYR F 47 15.82 -34.27 12.28
CA TYR F 47 14.64 -33.90 13.06
C TYR F 47 14.50 -34.89 14.21
N GLY F 48 14.47 -34.39 15.45
CA GLY F 48 14.34 -35.27 16.61
C GLY F 48 15.49 -36.20 16.83
N VAL F 49 16.60 -36.02 16.11
CA VAL F 49 17.81 -36.79 16.24
C VAL F 49 18.98 -35.85 15.99
N SER F 50 20.18 -36.32 16.31
CA SER F 50 21.40 -35.58 16.12
C SER F 50 22.17 -36.21 14.96
N ALA F 51 22.51 -35.40 13.96
CA ALA F 51 23.22 -35.90 12.78
C ALA F 51 24.49 -36.65 13.14
N THR F 52 25.19 -36.22 14.15
CA THR F 52 26.49 -36.79 14.45
C THR F 52 26.45 -37.85 15.54
N LYS F 53 25.45 -37.80 16.41
CA LYS F 53 25.25 -38.84 17.43
C LYS F 53 24.33 -39.93 16.94
N LEU F 54 24.43 -40.28 15.65
CA LEU F 54 23.44 -41.15 15.05
C LEU F 54 23.65 -42.59 15.48
N ASN F 55 24.89 -42.97 15.79
CA ASN F 55 25.15 -44.35 16.18
C ASN F 55 24.73 -44.63 17.60
N ASP F 56 24.50 -43.62 18.40
CA ASP F 56 24.05 -43.85 19.77
C ASP F 56 22.55 -44.07 19.85
N LEU F 57 21.88 -44.24 18.73
CA LEU F 57 20.43 -44.39 18.68
C LEU F 57 20.08 -45.85 18.45
N CYS F 58 19.45 -46.47 19.45
CA CYS F 58 19.06 -47.88 19.37
C CYS F 58 17.69 -47.90 18.70
N PHE F 59 17.67 -48.24 17.43
CA PHE F 59 16.42 -48.19 16.68
C PHE F 59 15.85 -49.58 16.54
N SER F 60 14.52 -49.65 16.47
CA SER F 60 13.83 -50.84 16.00
C SER F 60 13.99 -51.03 14.50
N ASN F 61 13.51 -50.07 13.72
CA ASN F 61 13.64 -50.09 12.28
C ASN F 61 14.12 -48.73 11.79
N VAL F 62 14.84 -48.75 10.69
CA VAL F 62 15.04 -47.59 9.85
C VAL F 62 14.31 -47.86 8.54
N TYR F 63 13.66 -46.85 7.99
CA TYR F 63 13.12 -46.95 6.64
C TYR F 63 13.89 -46.00 5.74
N ALA F 64 14.36 -46.51 4.61
CA ALA F 64 15.08 -45.70 3.64
C ALA F 64 14.19 -45.56 2.42
N ASP F 65 13.88 -44.32 2.07
CA ASP F 65 13.01 -43.95 0.97
C ASP F 65 13.85 -43.22 -0.08
N SER F 66 13.78 -43.66 -1.33
CA SER F 66 14.65 -43.14 -2.37
C SER F 66 13.81 -42.59 -3.48
N PHE F 67 14.25 -41.50 -4.09
CA PHE F 67 13.56 -40.92 -5.22
C PHE F 67 14.45 -39.86 -5.82
N VAL F 68 14.06 -39.34 -6.99
CA VAL F 68 14.76 -38.27 -7.67
C VAL F 68 13.78 -37.11 -7.84
N VAL F 69 14.26 -35.89 -7.63
CA VAL F 69 13.54 -34.62 -7.85
C VAL F 69 14.55 -33.60 -8.32
N LYS F 70 14.06 -32.47 -8.85
CA LYS F 70 15.02 -31.43 -9.19
C LYS F 70 15.46 -30.68 -7.93
N GLY F 71 16.55 -29.94 -8.05
CA GLY F 71 17.12 -29.27 -6.89
C GLY F 71 16.13 -28.34 -6.20
N ASP F 72 15.47 -27.48 -6.98
CA ASP F 72 14.52 -26.52 -6.43
C ASP F 72 13.35 -27.17 -5.73
N ASP F 73 13.21 -28.48 -5.86
CA ASP F 73 12.14 -29.22 -5.20
C ASP F 73 12.61 -29.86 -3.91
N VAL F 74 13.93 -29.96 -3.67
CA VAL F 74 14.42 -30.68 -2.50
C VAL F 74 13.90 -30.04 -1.22
N ARG F 75 13.69 -28.72 -1.23
CA ARG F 75 13.19 -28.05 -0.03
C ARG F 75 11.83 -28.54 0.39
N GLN F 76 11.08 -29.20 -0.51
CA GLN F 76 9.75 -29.69 -0.14
C GLN F 76 9.80 -31.03 0.58
N ILE F 77 11.01 -31.62 0.71
CA ILE F 77 11.16 -32.89 1.40
C ILE F 77 11.53 -32.62 2.85
N ALA F 78 10.58 -32.06 3.60
CA ALA F 78 10.76 -31.64 4.98
C ALA F 78 9.39 -31.50 5.60
N PRO F 79 9.26 -31.66 6.91
CA PRO F 79 7.92 -31.58 7.50
C PRO F 79 7.26 -30.22 7.29
N GLY F 80 5.94 -30.24 7.16
CA GLY F 80 5.14 -29.04 7.03
C GLY F 80 5.23 -28.27 5.73
N GLN F 81 5.89 -28.82 4.71
CA GLN F 81 5.99 -28.15 3.42
C GLN F 81 4.70 -28.31 2.62
N THR F 82 4.58 -27.49 1.60
CA THR F 82 3.52 -27.67 0.61
C THR F 82 4.17 -27.49 -0.75
N GLY F 83 3.42 -27.87 -1.79
CA GLY F 83 3.91 -27.84 -3.14
C GLY F 83 3.56 -29.11 -3.82
N VAL F 84 3.88 -29.15 -5.11
CA VAL F 84 3.44 -30.30 -5.89
C VAL F 84 4.11 -31.57 -5.40
N ILE F 85 5.39 -31.48 -5.01
CA ILE F 85 6.06 -32.69 -4.56
C ILE F 85 5.51 -33.13 -3.22
N ALA F 86 5.37 -32.18 -2.28
CA ALA F 86 4.99 -32.54 -0.93
C ALA F 86 3.53 -32.90 -0.81
N ASP F 87 2.68 -32.39 -1.69
CA ASP F 87 1.24 -32.58 -1.57
C ASP F 87 0.70 -33.70 -2.44
N TYR F 88 1.39 -34.03 -3.56
CA TYR F 88 0.94 -35.07 -4.50
C TYR F 88 1.93 -36.21 -4.72
N ASN F 89 3.13 -36.17 -4.13
CA ASN F 89 4.12 -37.21 -4.41
C ASN F 89 4.68 -37.87 -3.17
N TYR F 90 5.28 -37.09 -2.25
CA TYR F 90 5.93 -37.63 -1.06
C TYR F 90 5.72 -36.68 0.10
N LYS F 91 5.10 -37.16 1.17
CA LYS F 91 4.71 -36.30 2.29
C LYS F 91 5.34 -36.81 3.58
N LEU F 92 6.16 -35.97 4.21
CA LEU F 92 6.66 -36.30 5.53
C LEU F 92 5.65 -35.95 6.61
N PRO F 93 5.59 -36.75 7.67
CA PRO F 93 4.75 -36.40 8.81
C PRO F 93 5.33 -35.20 9.57
N ASP F 94 4.48 -34.60 10.41
CA ASP F 94 4.89 -33.42 11.13
C ASP F 94 5.89 -33.74 12.23
N ASP F 95 5.75 -34.91 12.85
CA ASP F 95 6.66 -35.40 13.86
C ASP F 95 7.68 -36.36 13.27
N PHE F 96 8.03 -36.17 12.01
CA PHE F 96 9.10 -36.94 11.39
C PHE F 96 10.34 -36.98 12.29
N MET F 97 10.88 -38.17 12.45
CA MET F 97 12.11 -38.39 13.21
C MET F 97 13.11 -39.06 12.29
N GLY F 98 14.06 -38.28 11.79
CA GLY F 98 15.10 -38.84 10.96
C GLY F 98 15.82 -37.73 10.23
N CYS F 99 16.63 -38.14 9.27
CA CYS F 99 17.37 -37.20 8.47
C CYS F 99 16.93 -37.30 7.02
N VAL F 100 17.26 -36.25 6.27
CA VAL F 100 16.96 -36.13 4.87
C VAL F 100 18.25 -35.81 4.16
N LEU F 101 18.67 -36.68 3.25
CA LEU F 101 19.91 -36.50 2.53
C LEU F 101 19.62 -36.39 1.04
N ALA F 102 20.40 -35.55 0.38
CA ALA F 102 20.29 -35.35 -1.05
C ALA F 102 21.62 -34.90 -1.63
N TRP F 103 21.87 -35.33 -2.88
CA TRP F 103 23.07 -34.90 -3.57
C TRP F 103 22.83 -34.77 -5.08
N ASN F 104 23.54 -33.81 -5.68
CA ASN F 104 23.44 -33.56 -7.12
C ASN F 104 23.95 -34.77 -7.87
N THR F 105 23.18 -35.20 -8.87
CA THR F 105 23.57 -36.33 -9.71
C THR F 105 23.43 -35.96 -11.17
N ARG F 106 23.94 -34.78 -11.52
CA ARG F 106 23.88 -34.34 -12.90
C ARG F 106 24.64 -35.30 -13.80
N ASN F 107 25.82 -35.74 -13.35
CA ASN F 107 26.67 -36.63 -14.14
C ASN F 107 26.07 -38.01 -14.41
N ILE F 108 24.93 -38.38 -13.83
CA ILE F 108 24.42 -39.73 -14.07
C ILE F 108 22.92 -39.73 -14.33
N ASP F 109 22.21 -38.69 -13.91
CA ASP F 109 20.78 -38.64 -14.17
C ASP F 109 20.38 -37.59 -15.19
N ALA F 110 21.30 -36.72 -15.62
CA ALA F 110 21.02 -35.80 -16.73
C ALA F 110 21.92 -36.17 -17.91
N THR F 111 21.51 -35.75 -19.10
CA THR F 111 22.34 -35.96 -20.28
C THR F 111 22.34 -34.71 -21.14
N SER F 112 23.19 -34.75 -22.17
CA SER F 112 23.25 -33.68 -23.16
C SER F 112 21.92 -33.52 -23.89
N THR F 113 21.23 -34.63 -24.18
CA THR F 113 20.03 -34.62 -25.02
C THR F 113 18.73 -34.38 -24.23
N GLY F 114 18.74 -34.56 -22.91
CA GLY F 114 17.54 -34.59 -22.09
C GLY F 114 17.23 -35.99 -21.57
N ASN F 115 17.02 -36.12 -20.26
CA ASN F 115 16.64 -37.39 -19.63
C ASN F 115 15.25 -37.23 -19.05
N TYR F 116 14.28 -37.86 -19.71
CA TYR F 116 12.87 -37.71 -19.38
C TYR F 116 12.30 -38.93 -18.68
N ASN F 117 13.17 -39.78 -18.10
CA ASN F 117 12.78 -41.02 -17.43
C ASN F 117 12.13 -40.78 -16.06
N TYR F 118 12.37 -39.63 -15.43
CA TYR F 118 11.87 -39.36 -14.10
C TYR F 118 10.62 -38.51 -14.17
N LYS F 119 9.61 -38.89 -13.39
CA LYS F 119 8.32 -38.25 -13.42
C LYS F 119 7.88 -37.82 -12.02
N TYR F 120 7.02 -36.81 -11.96
CA TYR F 120 6.29 -36.53 -10.73
C TYR F 120 4.81 -36.36 -11.06
N ARG F 121 3.97 -36.59 -10.06
CA ARG F 121 2.54 -36.36 -10.22
C ARG F 121 2.21 -34.90 -9.94
N TYR F 122 1.65 -34.18 -10.94
CA TYR F 122 1.34 -32.76 -10.77
C TYR F 122 -0.14 -32.42 -10.61
N LEU F 123 -1.05 -33.36 -10.88
CA LEU F 123 -2.49 -33.14 -10.72
C LEU F 123 -3.02 -34.28 -9.87
N ARG F 124 -3.84 -33.94 -8.87
CA ARG F 124 -4.43 -34.94 -8.01
C ARG F 124 -5.59 -34.31 -7.26
N HIS F 125 -6.54 -35.16 -6.87
CA HIS F 125 -7.71 -34.78 -6.07
C HIS F 125 -7.31 -34.96 -4.61
N GLY F 126 -7.00 -33.86 -3.96
CA GLY F 126 -6.60 -33.91 -2.57
C GLY F 126 -5.13 -34.17 -2.37
N LYS F 127 -4.66 -33.79 -1.17
CA LYS F 127 -3.31 -33.99 -0.71
C LYS F 127 -3.07 -35.38 -0.13
N LEU F 128 -1.82 -35.85 -0.21
CA LEU F 128 -1.45 -37.16 0.35
C LEU F 128 -1.30 -37.12 1.87
N ARG F 129 -1.73 -38.18 2.52
CA ARG F 129 -1.39 -38.40 3.91
C ARG F 129 0.11 -38.66 4.03
N PRO F 130 0.71 -38.39 5.19
CA PRO F 130 2.14 -38.69 5.38
C PRO F 130 2.51 -40.12 5.02
N PHE F 131 3.56 -40.27 4.22
CA PHE F 131 4.11 -41.52 3.71
C PHE F 131 3.14 -42.26 2.80
N GLU F 132 2.08 -41.61 2.35
CA GLU F 132 1.18 -42.23 1.39
C GLU F 132 1.85 -42.28 0.03
N ARG F 133 1.34 -43.14 -0.85
CA ARG F 133 1.94 -43.39 -2.15
C ARG F 133 0.85 -43.61 -3.17
N ASP F 134 0.93 -42.92 -4.32
CA ASP F 134 -0.09 -42.99 -5.38
C ASP F 134 0.58 -43.38 -6.70
N ILE F 135 0.40 -44.61 -7.11
CA ILE F 135 1.05 -45.03 -8.36
C ILE F 135 0.05 -45.19 -9.50
N SER F 136 -1.17 -44.70 -9.33
CA SER F 136 -2.16 -44.76 -10.40
C SER F 136 -1.77 -43.81 -11.53
N ASN F 137 -2.31 -44.08 -12.73
CA ASN F 137 -2.04 -43.22 -13.88
C ASN F 137 -3.32 -43.16 -14.69
N VAL F 138 -4.36 -42.68 -14.02
CA VAL F 138 -5.70 -42.43 -14.53
C VAL F 138 -5.77 -40.97 -14.99
N PRO F 139 -6.36 -40.69 -16.15
CA PRO F 139 -6.48 -39.29 -16.60
C PRO F 139 -7.28 -38.45 -15.60
N PHE F 140 -6.79 -37.24 -15.37
CA PHE F 140 -7.33 -36.34 -14.36
C PHE F 140 -8.30 -35.37 -15.02
N SER F 141 -9.42 -35.10 -14.34
CA SER F 141 -10.40 -34.07 -14.73
C SER F 141 -10.91 -33.38 -13.48
N PRO F 142 -11.05 -32.05 -13.49
CA PRO F 142 -11.49 -31.35 -12.27
C PRO F 142 -12.75 -31.91 -11.66
N ASP F 143 -13.65 -32.47 -12.48
CA ASP F 143 -14.94 -32.97 -12.02
C ASP F 143 -14.92 -34.44 -11.57
N GLY F 144 -13.78 -35.12 -11.61
CA GLY F 144 -13.72 -36.52 -11.22
C GLY F 144 -14.31 -37.50 -12.23
N LYS F 145 -14.84 -37.04 -13.34
CA LYS F 145 -15.48 -37.89 -14.31
C LYS F 145 -14.44 -38.62 -15.17
N PRO F 146 -14.63 -39.91 -15.41
CA PRO F 146 -13.74 -40.63 -16.32
C PRO F 146 -13.66 -39.88 -17.63
N CYS F 147 -12.45 -39.70 -18.13
CA CYS F 147 -12.27 -38.89 -19.32
C CYS F 147 -11.12 -39.46 -20.16
N THR F 148 -10.88 -38.84 -21.32
CA THR F 148 -9.82 -39.30 -22.21
C THR F 148 -9.06 -38.15 -22.87
N PRO F 149 -7.78 -37.97 -22.51
CA PRO F 149 -7.01 -36.88 -23.08
C PRO F 149 -6.82 -37.10 -24.57
N PRO F 150 -6.68 -36.03 -25.38
CA PRO F 150 -6.76 -34.63 -24.93
C PRO F 150 -8.14 -33.98 -24.92
N ALA F 151 -9.18 -34.58 -24.35
CA ALA F 151 -10.43 -33.86 -24.31
C ALA F 151 -10.27 -32.60 -23.47
N LEU F 152 -11.27 -31.72 -23.54
CA LEU F 152 -11.23 -30.47 -22.80
C LEU F 152 -11.16 -30.76 -21.32
N ASN F 153 -10.23 -30.11 -20.63
CA ASN F 153 -10.07 -30.27 -19.19
C ASN F 153 -9.59 -31.66 -18.79
N CYS F 154 -8.78 -32.34 -19.61
CA CYS F 154 -8.39 -33.69 -19.24
C CYS F 154 -6.92 -33.92 -19.56
N TYR F 155 -6.17 -34.37 -18.56
CA TYR F 155 -4.74 -34.46 -18.71
C TYR F 155 -4.27 -35.72 -18.01
N TRP F 156 -3.26 -36.38 -18.58
CA TRP F 156 -2.55 -37.41 -17.82
C TRP F 156 -1.85 -36.75 -16.63
N PRO F 157 -1.90 -37.36 -15.44
CA PRO F 157 -1.50 -36.66 -14.21
C PRO F 157 -0.01 -36.70 -13.87
N LEU F 158 0.82 -37.38 -14.62
CA LEU F 158 2.26 -37.37 -14.39
C LEU F 158 2.94 -36.52 -15.45
N ASN F 159 4.03 -35.89 -15.06
CA ASN F 159 4.82 -35.06 -15.95
C ASN F 159 6.28 -35.48 -15.84
N ASP F 160 6.99 -35.40 -16.96
CA ASP F 160 8.39 -35.74 -16.98
C ASP F 160 9.23 -34.59 -16.49
N TYR F 161 10.20 -34.89 -15.64
CA TYR F 161 11.30 -33.98 -15.45
C TYR F 161 12.12 -33.96 -16.73
N GLY F 162 12.65 -32.79 -17.09
CA GLY F 162 13.53 -32.74 -18.23
C GLY F 162 14.95 -32.42 -17.82
N PHE F 163 15.79 -33.43 -17.59
CA PHE F 163 17.09 -33.22 -16.98
C PHE F 163 18.16 -33.07 -18.05
N TYR F 164 18.74 -31.87 -18.13
CA TYR F 164 19.82 -31.54 -19.05
C TYR F 164 21.10 -31.25 -18.25
N THR F 165 22.24 -31.71 -18.77
CA THR F 165 23.54 -31.46 -18.14
C THR F 165 23.93 -29.98 -18.13
N THR F 166 23.18 -29.08 -18.75
CA THR F 166 23.65 -27.72 -19.03
C THR F 166 22.67 -26.66 -18.52
N THR F 167 22.08 -26.88 -17.36
CA THR F 167 21.08 -25.94 -16.88
C THR F 167 21.46 -25.45 -15.48
N GLY F 168 20.69 -24.46 -15.00
CA GLY F 168 20.84 -23.97 -13.64
C GLY F 168 20.84 -25.05 -12.58
N ILE F 169 21.56 -24.82 -11.48
CA ILE F 169 21.71 -25.85 -10.46
C ILE F 169 20.38 -26.28 -9.86
N GLY F 170 19.36 -25.44 -9.94
CA GLY F 170 18.10 -25.83 -9.33
C GLY F 170 17.20 -26.65 -10.20
N TYR F 171 17.60 -26.84 -11.45
CA TYR F 171 16.87 -27.64 -12.42
C TYR F 171 17.57 -28.96 -12.69
N GLN F 172 18.70 -29.19 -12.04
CA GLN F 172 19.45 -30.42 -12.14
C GLN F 172 18.87 -31.47 -11.19
N PRO F 173 19.12 -32.75 -11.47
CA PRO F 173 18.50 -33.80 -10.66
C PRO F 173 19.29 -34.04 -9.39
N TYR F 174 18.56 -34.35 -8.33
CA TYR F 174 19.13 -34.65 -7.05
C TYR F 174 18.59 -36.00 -6.63
N ARG F 175 19.46 -36.88 -6.20
CA ARG F 175 19.00 -38.10 -5.58
C ARG F 175 18.75 -37.81 -4.12
N VAL F 176 17.66 -38.33 -3.60
CA VAL F 176 17.24 -38.07 -2.24
C VAL F 176 17.01 -39.39 -1.54
N VAL F 177 17.58 -39.53 -0.33
CA VAL F 177 17.27 -40.64 0.57
C VAL F 177 16.72 -40.06 1.86
N VAL F 178 15.58 -40.57 2.31
CA VAL F 178 14.96 -40.15 3.56
C VAL F 178 15.07 -41.28 4.56
N LEU F 179 15.71 -41.00 5.68
CA LEU F 179 16.00 -41.98 6.73
C LEU F 179 15.08 -41.73 7.88
N SER F 180 14.21 -42.69 8.16
CA SER F 180 13.14 -42.56 9.16
C SER F 180 13.43 -43.55 10.28
N PHE F 181 13.33 -43.11 11.53
CA PHE F 181 13.78 -43.94 12.65
C PHE F 181 12.61 -44.31 13.53
N GLU F 182 12.33 -45.59 13.62
CA GLU F 182 11.32 -46.10 14.55
C GLU F 182 12.04 -46.51 15.82
N LEU F 183 11.53 -46.04 16.94
CA LEU F 183 12.00 -46.48 18.23
C LEU F 183 10.93 -47.37 18.85
N LEU F 184 11.32 -48.18 19.83
CA LEU F 184 10.35 -48.95 20.58
C LEU F 184 9.27 -48.02 21.13
N ASN F 185 8.02 -48.45 21.00
CA ASN F 185 6.92 -47.68 21.56
C ASN F 185 7.07 -47.58 23.08
N ALA F 186 6.47 -46.54 23.65
CA ALA F 186 6.40 -46.36 25.10
C ALA F 186 5.04 -45.76 25.42
N PRO F 187 4.61 -45.81 26.69
CA PRO F 187 3.19 -45.52 26.98
C PRO F 187 2.81 -44.05 27.03
C1 NAG G . -32.99 48.19 5.83
C2 NAG G . -34.53 47.81 5.67
C3 NAG G . -35.39 49.09 5.61
C4 NAG G . -35.02 50.10 6.68
C5 NAG G . -33.52 50.36 6.66
C6 NAG G . -33.04 51.30 7.73
C7 NAG G . -35.76 46.90 3.63
C8 NAG G . -35.60 45.94 2.49
N2 NAG G . -34.70 46.97 4.48
O3 NAG G . -36.77 48.74 5.75
O4 NAG G . -35.62 51.34 6.31
O5 NAG G . -32.85 49.12 6.88
O6 NAG G . -31.62 51.22 7.81
O7 NAG G . -36.79 47.53 3.79
C1 NAG G . -36.64 51.75 7.24
C2 NAG G . -37.38 52.85 6.48
C3 NAG G . -38.46 53.46 7.38
C4 NAG G . -39.37 52.37 7.93
C5 NAG G . -38.58 51.18 8.51
C6 NAG G . -39.45 49.97 8.79
C7 NAG G . -35.36 54.36 6.50
C8 NAG G . -34.61 55.38 5.70
N2 NAG G . -36.48 53.87 5.92
O3 NAG G . -39.26 54.40 6.63
O4 NAG G . -40.23 52.91 8.93
O5 NAG G . -37.57 50.72 7.60
O6 NAG G . -39.40 49.05 7.72
O7 NAG G . -34.96 54.01 7.62
C1 NAG H . 27.66 -50.19 -3.18
C2 NAG H . 28.49 -51.20 -3.99
C3 NAG H . 28.22 -52.62 -3.49
C4 NAG H . 28.50 -52.70 -1.99
C5 NAG H . 27.69 -51.63 -1.24
C6 NAG H . 28.00 -51.58 0.24
C7 NAG H . 28.93 -50.28 -6.23
C8 NAG H . 28.53 -50.29 -7.67
N2 NAG H . 28.23 -51.09 -5.42
O3 NAG H . 29.02 -53.53 -4.22
O4 NAG H . 28.12 -53.98 -1.47
O5 NAG H . 27.96 -50.33 -1.78
O6 NAG H . 29.29 -51.03 0.48
O7 NAG H . 29.83 -49.55 -5.79
C1 NAG H . 29.21 -54.93 -1.49
C2 NAG H . 29.20 -55.82 -0.23
C3 NAG H . 30.28 -56.89 -0.32
C4 NAG H . 30.21 -57.64 -1.65
C5 NAG H . 30.20 -56.66 -2.83
C6 NAG H . 29.99 -57.35 -4.16
C7 NAG H . 28.45 -55.14 2.00
C8 NAG H . 28.73 -54.30 3.22
N2 NAG H . 29.33 -55.06 1.00
O3 NAG H . 30.15 -57.83 0.74
O4 NAG H . 31.31 -58.53 -1.74
O5 NAG H . 29.12 -55.74 -2.67
O6 NAG H . 29.71 -56.43 -5.21
O7 NAG H . 27.46 -55.88 1.94
C1 FUC H . 29.33 -50.64 1.88
C2 FUC H . 30.70 -51.13 2.51
C3 FUC H . 31.86 -50.30 1.99
C4 FUC H . 31.58 -48.81 2.29
C5 FUC H . 30.25 -48.41 1.57
C6 FUC H . 29.86 -46.95 1.77
O2 FUC H . 30.98 -52.52 2.32
O3 FUC H . 33.06 -50.67 2.65
O4 FUC H . 31.48 -48.63 3.71
O5 FUC H . 29.15 -49.23 2.01
#